data_9FQK
#
_entry.id   9FQK
#
_cell.length_a   1.00
_cell.length_b   1.00
_cell.length_c   1.00
_cell.angle_alpha   90.00
_cell.angle_beta   90.00
_cell.angle_gamma   90.00
#
_symmetry.space_group_name_H-M   'P 1'
#
loop_
_entity.id
_entity.type
_entity.pdbx_description
1 polymer 'Succinate dehydrogenase [ubiquinone] flavoprotein subunit, mitochondrial'
2 polymer 'Succinate dehydrogenase [ubiquinone] iron-sulfur subunit, mitochondrial'
3 non-polymer 'FLAVIN-ADENINE DINUCLEOTIDE'
4 non-polymer 'FE2/S2 (INORGANIC) CLUSTER'
5 non-polymer 'IRON/SULFUR CLUSTER'
6 non-polymer 'FE3-S4 CLUSTER'
7 non-polymer 'POTASSIUM ION'
#
loop_
_entity_poly.entity_id
_entity_poly.type
_entity_poly.pdbx_seq_one_letter_code
_entity_poly.pdbx_strand_id
1 'polypeptide(L)'
;AAAAAAGYAVHDHFYDAVVVGAGGAGLRAASGLVAHGLKTACISKVFPTRSHTVAAQGGINAALGNMTEDDWRWHAYDTV
KGSDWLGDQDAIEHMCRLAPQVVLELESYGLPFSRTKEGKIYQRAFGGQSLKFGKGGQAYRCAAAADRTGHAILHTLYGM
SLKYDCLFFIEYFALDLIMDQDGSCKGVIAMSMEDGSIHRFGAHQTVIATGGYGRAYQSCTSAHTCTGDGGGMVSRAGLP
LQDLEFVQFHPTGIFPAGCLMTEGCRGEGGILRNSEGEPFMARYAPTAKDLASRDVVSRAMTLEIREGRGVGPNKDHIYL
HLDHLPAETLRERLPGISETAKIFAGVDVTKEPIPVLPTVHYNMGGIPTNWKAQCLNPTSSDPNKIVPGLLAAGEAGSAS
VHGANRLGANSLLDLVVFGRTAADTVAEIVKPNSPPVTLPKDAGGGTIDRFDKIRHAKGPVSTADLRSKLQRTMQTRAPV
YRNGDDLKKGCEEVREIMKEYKDVGIKDRTLVWNTDLIETLELENLITQAAQTIVSGEARKESRGAHAREDFTERDDKKW
MKHSLSYQTKPHVEESDIVLKYRPVVDQPLDSEMHHVPPAKRVY
;
2m
2 'polypeptide(L)'
;MQTFRVYRYDPLLQDKPHMQEFNIDLAQCGPMILDALIKIKATQDSTLAFRRSCREGICGSCAMNINGKNGLACLQYIEP
GAAPIDIQPLPHTYVLKDLVPDLSNFYNQYKSIEPFLKRRRAKQPGEKEYYQSIEDREKLDGMYECNLCACCMTSCPSYW
WNPEYYLGPAVLLQAYRWIADSRDEFTTERMAWINDSMRLYRCHGIMNCTSCCPKGLDPAKAIAKMKAAIAAAYEPGWTK
IVAQESIANKKRESGMMYA
;
2n
#
# COMPACT_ATOMS: atom_id res chain seq x y z
N ALA A 1 -4.99 29.97 -1.70
CA ALA A 1 -4.53 31.30 -2.08
C ALA A 1 -4.58 31.46 -3.61
N ALA A 2 -3.96 32.50 -4.14
CA ALA A 2 -4.06 32.80 -5.57
C ALA A 2 -2.78 33.45 -6.08
N ALA A 3 -2.14 32.81 -7.05
CA ALA A 3 -1.02 33.36 -7.80
C ALA A 3 -1.12 32.85 -9.22
N ALA A 4 -0.14 33.23 -10.07
CA ALA A 4 -0.17 32.78 -11.46
C ALA A 4 1.28 32.61 -11.95
N ALA A 5 1.78 31.38 -11.91
CA ALA A 5 3.11 31.04 -12.40
C ALA A 5 2.99 30.34 -13.73
N ALA A 6 3.63 30.89 -14.76
CA ALA A 6 3.62 30.31 -16.11
C ALA A 6 2.19 29.97 -16.54
N GLY A 7 1.25 30.84 -16.20
CA GLY A 7 -0.12 30.69 -16.61
C GLY A 7 -0.94 29.72 -15.80
N TYR A 8 -0.37 29.12 -14.76
CA TYR A 8 -1.08 28.15 -13.92
C TYR A 8 -1.51 28.80 -12.62
N ALA A 9 -2.69 28.43 -12.13
CA ALA A 9 -3.19 28.93 -10.86
C ALA A 9 -2.50 28.19 -9.72
N VAL A 10 -1.68 28.90 -8.94
CA VAL A 10 -0.88 28.31 -7.88
C VAL A 10 -1.44 28.77 -6.54
N HIS A 11 -1.87 27.80 -5.73
CA HIS A 11 -2.28 28.05 -4.35
C HIS A 11 -1.10 27.78 -3.42
N ASP A 12 -1.04 28.54 -2.33
CA ASP A 12 0.05 28.44 -1.36
C ASP A 12 -0.52 28.07 0.00
N HIS A 13 0.01 27.02 0.60
CA HIS A 13 -0.32 26.60 1.95
C HIS A 13 0.96 26.67 2.76
N PHE A 14 0.87 26.96 4.07
CA PHE A 14 2.06 27.14 4.91
C PHE A 14 1.87 26.38 6.22
N TYR A 15 2.19 25.09 6.22
CA TYR A 15 2.01 24.22 7.37
C TYR A 15 3.31 24.08 8.15
N ASP A 16 3.26 23.33 9.26
CA ASP A 16 4.45 22.98 10.02
C ASP A 16 5.06 21.67 9.56
N ALA A 17 4.27 20.80 8.93
CA ALA A 17 4.73 19.53 8.43
C ALA A 17 3.78 19.08 7.31
N VAL A 18 4.34 18.41 6.31
CA VAL A 18 3.59 17.83 5.21
C VAL A 18 4.00 16.38 5.06
N VAL A 19 3.03 15.50 4.86
CA VAL A 19 3.27 14.07 4.67
C VAL A 19 2.75 13.68 3.30
N VAL A 20 3.66 13.25 2.41
CA VAL A 20 3.28 12.80 1.08
C VAL A 20 3.03 11.30 1.15
N GLY A 21 1.76 10.90 1.13
CA GLY A 21 1.39 9.50 1.20
C GLY A 21 0.37 9.28 2.29
N ALA A 22 -0.67 8.50 2.00
CA ALA A 22 -1.70 8.17 2.98
C ALA A 22 -1.83 6.67 3.15
N GLY A 23 -0.73 5.95 2.96
CA GLY A 23 -0.66 4.54 3.27
C GLY A 23 -0.32 4.37 4.74
N GLY A 24 -0.08 3.13 5.13
CA GLY A 24 0.27 2.84 6.51
C GLY A 24 1.22 3.84 7.13
N ALA A 25 2.37 4.06 6.48
CA ALA A 25 3.37 4.96 7.03
C ALA A 25 2.86 6.39 7.11
N GLY A 26 2.13 6.83 6.08
CA GLY A 26 1.68 8.22 6.04
C GLY A 26 0.56 8.51 7.02
N LEU A 27 -0.39 7.59 7.16
CA LEU A 27 -1.49 7.80 8.09
C LEU A 27 -0.99 7.86 9.52
N ARG A 28 -0.02 7.01 9.86
CA ARG A 28 0.53 6.99 11.21
C ARG A 28 1.31 8.27 11.49
N ALA A 29 2.14 8.71 10.55
CA ALA A 29 2.94 9.92 10.76
C ALA A 29 2.03 11.13 10.96
N ALA A 30 0.98 11.24 10.17
CA ALA A 30 0.08 12.38 10.25
C ALA A 30 -0.63 12.41 11.61
N SER A 31 -1.23 11.28 12.00
CA SER A 31 -1.89 11.23 13.29
C SER A 31 -0.95 11.62 14.42
N GLY A 32 0.31 11.19 14.34
CA GLY A 32 1.27 11.52 15.37
C GLY A 32 1.59 13.00 15.41
N LEU A 33 1.81 13.62 14.25
CA LEU A 33 2.12 15.03 14.21
C LEU A 33 0.97 15.87 14.74
N VAL A 34 -0.26 15.54 14.34
CA VAL A 34 -1.43 16.25 14.83
C VAL A 34 -1.57 16.06 16.33
N ALA A 35 -1.28 14.85 16.82
CA ALA A 35 -1.34 14.59 18.25
C ALA A 35 -0.29 15.37 19.02
N HIS A 36 0.82 15.72 18.36
CA HIS A 36 1.85 16.54 18.97
C HIS A 36 1.51 18.02 18.94
N GLY A 37 0.40 18.40 18.32
CA GLY A 37 -0.01 19.79 18.28
C GLY A 37 0.55 20.60 17.14
N LEU A 38 1.00 19.94 16.07
CA LEU A 38 1.61 20.60 14.93
C LEU A 38 0.63 20.66 13.76
N LYS A 39 0.56 21.81 13.10
CA LYS A 39 -0.31 21.97 11.93
C LYS A 39 0.27 21.19 10.76
N THR A 40 -0.51 20.29 10.18
CA THR A 40 0.01 19.31 9.23
C THR A 40 -1.01 19.04 8.12
N ALA A 41 -0.49 18.68 6.94
CA ALA A 41 -1.28 18.26 5.80
C ALA A 41 -0.77 16.91 5.31
N CYS A 42 -1.68 16.10 4.75
CA CYS A 42 -1.35 14.75 4.27
C CYS A 42 -1.86 14.56 2.84
N ILE A 43 -0.94 14.64 1.87
CA ILE A 43 -1.26 14.57 0.44
C ILE A 43 -1.23 13.12 -0.04
N SER A 44 -2.24 12.71 -0.83
CA SER A 44 -2.29 11.35 -1.38
C SER A 44 -2.93 11.33 -2.75
N LYS A 45 -2.42 10.45 -3.63
CA LYS A 45 -3.00 10.28 -4.98
C LYS A 45 -4.35 9.58 -4.95
N VAL A 46 -4.63 8.78 -3.91
CA VAL A 46 -5.82 7.99 -3.81
C VAL A 46 -6.42 8.19 -2.41
N PHE A 47 -7.68 7.82 -2.27
CA PHE A 47 -8.29 7.84 -0.94
C PHE A 47 -7.45 6.97 0.00
N PRO A 48 -7.14 7.42 1.22
CA PRO A 48 -6.14 6.72 2.03
C PRO A 48 -6.37 5.23 2.17
N THR A 49 -7.62 4.77 2.09
CA THR A 49 -7.96 3.38 2.31
C THR A 49 -7.73 2.51 1.08
N ARG A 50 -7.36 3.11 -0.05
CA ARG A 50 -7.10 2.37 -1.28
C ARG A 50 -5.62 2.16 -1.53
N SER A 51 -4.76 2.60 -0.61
CA SER A 51 -3.31 2.42 -0.73
C SER A 51 -2.95 0.93 -0.74
N HIS A 52 -1.71 0.61 -1.17
CA HIS A 52 -1.31 -0.80 -1.29
C HIS A 52 -1.20 -1.49 0.05
N THR A 53 -1.13 -0.73 1.13
CA THR A 53 -1.05 -1.32 2.47
C THR A 53 -2.30 -2.20 2.69
N VAL A 54 -3.42 -1.85 2.04
CA VAL A 54 -4.67 -2.59 2.20
C VAL A 54 -4.56 -4.01 1.68
N ALA A 55 -3.66 -4.25 0.72
CA ALA A 55 -3.53 -5.56 0.11
C ALA A 55 -2.68 -6.51 0.94
N ALA A 56 -2.04 -6.03 2.00
CA ALA A 56 -1.26 -6.88 2.89
C ALA A 56 -2.17 -7.96 3.50
N GLN A 57 -1.62 -9.16 3.73
CA GLN A 57 -2.43 -10.28 4.17
C GLN A 57 -1.89 -10.97 5.42
N GLY A 58 -0.56 -11.06 5.56
CA GLY A 58 0.06 -11.83 6.61
C GLY A 58 -0.18 -11.30 8.02
N GLY A 59 0.43 -10.18 8.36
CA GLY A 59 0.31 -9.63 9.69
C GLY A 59 1.52 -8.79 10.05
N ILE A 60 1.61 -8.42 11.34
CA ILE A 60 2.68 -7.55 11.84
C ILE A 60 3.39 -8.34 12.96
N ASN A 61 4.71 -8.23 13.02
CA ASN A 61 5.47 -9.04 13.97
C ASN A 61 5.66 -8.29 15.27
N ALA A 62 5.30 -8.90 16.41
CA ALA A 62 5.54 -8.30 17.73
C ALA A 62 5.84 -9.41 18.72
N ALA A 63 6.76 -9.15 19.65
CA ALA A 63 7.07 -10.12 20.69
C ALA A 63 6.05 -10.00 21.81
N LEU A 64 4.77 -10.22 21.45
CA LEU A 64 3.67 -10.16 22.44
C LEU A 64 3.73 -11.35 23.39
N GLY A 65 4.17 -12.49 22.88
CA GLY A 65 4.27 -13.66 23.72
C GLY A 65 2.94 -14.34 24.02
N ASN A 66 1.92 -14.03 23.20
CA ASN A 66 0.56 -14.59 23.41
C ASN A 66 0.49 -16.06 23.11
N MET A 67 1.27 -16.53 22.11
CA MET A 67 1.29 -17.95 21.73
C MET A 67 2.37 -18.73 22.45
N THR A 68 3.59 -18.22 22.49
CA THR A 68 4.73 -18.88 23.17
C THR A 68 5.56 -17.82 23.87
N GLU A 69 6.44 -18.20 24.80
CA GLU A 69 7.35 -17.24 25.41
C GLU A 69 8.20 -16.56 24.31
N ASP A 70 8.43 -15.25 24.46
CA ASP A 70 9.14 -14.47 23.46
C ASP A 70 9.88 -13.28 24.07
N ASP A 71 10.91 -12.83 23.34
CA ASP A 71 11.71 -11.67 23.72
C ASP A 71 11.91 -10.84 22.45
N TRP A 72 11.84 -9.52 22.55
CA TRP A 72 12.07 -8.66 21.40
C TRP A 72 13.49 -8.85 20.88
N ARG A 73 14.42 -9.12 21.81
CA ARG A 73 15.80 -9.33 21.39
C ARG A 73 15.93 -10.53 20.44
N TRP A 74 15.12 -11.63 20.66
CA TRP A 74 15.06 -12.59 19.70
C TRP A 74 14.55 -12.31 18.33
N HIS A 75 13.57 -11.43 18.30
CA HIS A 75 13.04 -10.88 17.04
C HIS A 75 14.12 -10.06 16.35
N ALA A 76 14.91 -9.33 17.16
CA ALA A 76 15.97 -8.51 16.61
C ALA A 76 17.07 -9.34 15.95
N TYR A 77 17.45 -10.46 16.58
CA TYR A 77 18.45 -11.34 15.99
C TYR A 77 17.97 -11.90 14.67
N ASP A 78 16.69 -12.30 14.62
CA ASP A 78 16.14 -12.86 13.39
C ASP A 78 16.19 -11.85 12.26
N THR A 79 15.90 -10.59 12.55
CA THR A 79 15.94 -9.55 11.53
C THR A 79 17.35 -9.32 11.01
N VAL A 80 18.34 -9.36 11.91
CA VAL A 80 19.73 -9.18 11.47
C VAL A 80 20.13 -10.31 10.52
N LYS A 81 19.85 -11.56 10.89
CA LYS A 81 20.16 -12.68 10.01
C LYS A 81 19.42 -12.55 8.69
N GLY A 82 18.13 -12.20 8.75
CA GLY A 82 17.35 -12.07 7.53
C GLY A 82 17.87 -10.98 6.61
N SER A 83 18.37 -9.90 7.20
CA SER A 83 18.95 -8.82 6.41
C SER A 83 20.28 -9.21 5.79
N ASP A 84 20.80 -10.39 6.12
CA ASP A 84 22.09 -10.85 5.64
C ASP A 84 23.19 -9.85 6.00
N TRP A 85 23.07 -9.30 7.21
CA TRP A 85 24.05 -8.38 7.76
C TRP A 85 24.32 -7.21 6.83
N LEU A 86 23.22 -6.69 6.26
CA LEU A 86 23.22 -5.42 5.55
C LEU A 86 22.36 -4.38 6.22
N GLY A 87 21.47 -4.77 7.12
CA GLY A 87 20.63 -3.83 7.82
C GLY A 87 21.30 -3.22 9.03
N ASP A 88 20.90 -2.00 9.35
CA ASP A 88 21.44 -1.31 10.52
C ASP A 88 20.88 -1.93 11.79
N GLN A 89 21.77 -2.35 12.69
CA GLN A 89 21.33 -2.95 13.94
C GLN A 89 20.81 -1.91 14.91
N ASP A 90 21.19 -0.64 14.73
CA ASP A 90 20.61 0.46 15.50
C ASP A 90 19.12 0.58 15.23
N ALA A 91 18.72 0.65 13.96
CA ALA A 91 17.31 0.77 13.63
C ALA A 91 16.54 -0.49 13.97
N ILE A 92 17.17 -1.66 13.84
CA ILE A 92 16.48 -2.92 14.13
C ILE A 92 16.11 -2.98 15.61
N GLU A 93 17.02 -2.55 16.50
CA GLU A 93 16.69 -2.56 17.92
C GLU A 93 15.52 -1.63 18.22
N HIS A 94 15.54 -0.43 17.64
CA HIS A 94 14.45 0.52 17.89
C HIS A 94 13.11 -0.04 17.45
N MET A 95 13.10 -0.75 16.32
CA MET A 95 11.85 -1.29 15.79
C MET A 95 11.36 -2.47 16.61
N CYS A 96 12.27 -3.35 17.02
CA CYS A 96 11.85 -4.56 17.72
C CYS A 96 11.43 -4.27 19.15
N ARG A 97 12.11 -3.32 19.80
CA ARG A 97 11.78 -2.94 21.17
C ARG A 97 10.45 -2.21 21.27
N LEU A 98 9.95 -1.68 20.17
CA LEU A 98 8.69 -0.95 20.15
C LEU A 98 7.57 -1.76 19.53
N ALA A 99 7.88 -2.91 18.94
CA ALA A 99 6.86 -3.73 18.27
C ALA A 99 5.70 -4.13 19.20
N PRO A 100 5.95 -4.56 20.43
CA PRO A 100 4.82 -4.86 21.33
C PRO A 100 3.90 -3.66 21.53
N GLN A 101 4.47 -2.50 21.86
CA GLN A 101 3.66 -1.31 22.13
C GLN A 101 2.87 -0.90 20.90
N VAL A 102 3.52 -0.88 19.73
CA VAL A 102 2.87 -0.39 18.53
C VAL A 102 1.65 -1.25 18.18
N VAL A 103 1.78 -2.57 18.35
CA VAL A 103 0.67 -3.47 18.00
C VAL A 103 -0.49 -3.29 18.96
N LEU A 104 -0.19 -3.11 20.26
CA LEU A 104 -1.24 -2.92 21.25
C LEU A 104 -1.95 -1.59 21.02
N GLU A 105 -1.20 -0.55 20.67
CA GLU A 105 -1.81 0.73 20.33
C GLU A 105 -2.81 0.57 19.20
N LEU A 106 -2.44 -0.21 18.17
CA LEU A 106 -3.34 -0.42 17.04
C LEU A 106 -4.62 -1.12 17.49
N GLU A 107 -4.51 -2.07 18.41
CA GLU A 107 -5.69 -2.72 18.97
C GLU A 107 -6.51 -1.71 19.76
N SER A 108 -5.86 -0.77 20.44
CA SER A 108 -6.58 0.23 21.23
C SER A 108 -7.40 1.17 20.37
N TYR A 109 -7.07 1.31 19.10
CA TYR A 109 -7.86 2.11 18.18
C TYR A 109 -8.88 1.27 17.42
N GLY A 110 -8.99 -0.02 17.73
CA GLY A 110 -10.05 -0.86 17.23
C GLY A 110 -9.68 -1.88 16.18
N LEU A 111 -8.39 -2.12 15.95
CA LEU A 111 -7.98 -3.07 14.93
C LEU A 111 -8.58 -4.45 15.24
N PRO A 112 -9.44 -4.99 14.37
CA PRO A 112 -10.14 -6.25 14.67
C PRO A 112 -9.24 -7.49 14.55
N PHE A 113 -8.24 -7.59 15.43
CA PHE A 113 -7.31 -8.72 15.40
C PHE A 113 -8.06 -10.04 15.64
N SER A 114 -7.50 -11.15 15.13
CA SER A 114 -8.03 -12.46 15.49
C SER A 114 -7.63 -12.77 16.93
N ARG A 115 -8.46 -13.56 17.62
CA ARG A 115 -8.30 -13.76 19.06
C ARG A 115 -8.00 -15.22 19.40
N THR A 116 -7.35 -15.39 20.55
CA THR A 116 -7.05 -16.70 21.12
C THR A 116 -8.19 -17.15 22.03
N LYS A 117 -8.00 -18.28 22.72
CA LYS A 117 -9.01 -18.78 23.64
C LYS A 117 -9.06 -18.00 24.95
N GLU A 118 -8.07 -17.14 25.20
CA GLU A 118 -8.01 -16.35 26.42
C GLU A 118 -8.35 -14.88 26.16
N GLY A 119 -8.76 -14.55 24.95
CA GLY A 119 -9.08 -13.18 24.60
C GLY A 119 -7.91 -12.34 24.17
N LYS A 120 -6.73 -12.93 24.01
CA LYS A 120 -5.55 -12.24 23.55
C LYS A 120 -5.46 -12.29 22.02
N ILE A 121 -4.49 -11.58 21.47
CA ILE A 121 -4.31 -11.50 20.01
C ILE A 121 -3.63 -12.78 19.52
N TYR A 122 -4.22 -13.39 18.49
CA TYR A 122 -3.63 -14.60 17.90
C TYR A 122 -2.40 -14.23 17.08
N GLN A 123 -1.33 -15.04 17.20
CA GLN A 123 -0.09 -14.87 16.45
C GLN A 123 0.23 -16.14 15.65
N ARG A 124 0.60 -15.99 14.40
CA ARG A 124 0.87 -17.07 13.44
C ARG A 124 2.36 -17.17 13.15
N ALA A 125 2.78 -18.36 12.70
CA ALA A 125 4.17 -18.61 12.33
C ALA A 125 4.47 -18.00 10.96
N PHE A 126 5.65 -17.40 10.82
CA PHE A 126 6.09 -16.80 9.55
C PHE A 126 7.54 -17.18 9.30
N GLY A 127 7.99 -17.05 8.05
CA GLY A 127 9.34 -17.48 7.69
C GLY A 127 10.42 -16.56 8.22
N GLY A 128 11.53 -17.19 8.66
CA GLY A 128 12.68 -16.45 9.15
C GLY A 128 12.62 -16.07 10.61
N GLN A 129 11.64 -16.58 11.35
CA GLN A 129 11.43 -16.24 12.76
C GLN A 129 11.74 -17.44 13.65
N SER A 130 12.55 -17.21 14.70
CA SER A 130 12.94 -18.30 15.59
C SER A 130 12.89 -17.80 17.02
N LEU A 131 13.22 -18.65 17.96
CA LEU A 131 13.29 -18.33 19.38
C LEU A 131 14.67 -18.66 19.92
N LYS A 132 15.03 -17.98 21.01
CA LYS A 132 16.31 -18.21 21.71
C LYS A 132 17.52 -17.95 20.80
N PHE A 133 17.44 -16.91 19.98
CA PHE A 133 18.55 -16.47 19.10
C PHE A 133 18.94 -17.59 18.13
N GLY A 134 17.95 -18.36 17.69
CA GLY A 134 18.14 -19.37 16.68
C GLY A 134 18.26 -20.77 17.27
N LYS A 135 18.53 -20.89 18.58
CA LYS A 135 18.66 -22.18 19.22
C LYS A 135 17.31 -22.80 19.58
N GLY A 136 16.22 -22.03 19.49
CA GLY A 136 14.89 -22.54 19.70
C GLY A 136 14.25 -22.99 18.41
N GLY A 137 12.91 -22.98 18.39
CA GLY A 137 12.14 -23.37 17.24
C GLY A 137 11.39 -22.21 16.60
N GLN A 138 10.46 -22.56 15.71
CA GLN A 138 9.65 -21.57 15.02
C GLN A 138 9.01 -20.63 16.06
N ALA A 139 9.00 -19.33 15.77
CA ALA A 139 8.42 -18.31 16.64
C ALA A 139 7.12 -17.80 16.02
N TYR A 140 6.06 -17.82 16.84
CA TYR A 140 4.76 -17.33 16.37
C TYR A 140 4.57 -15.86 16.82
N ARG A 141 5.22 -14.94 16.09
CA ARG A 141 5.16 -13.49 16.38
C ARG A 141 4.25 -12.65 15.47
N CYS A 142 3.63 -13.24 14.47
CA CYS A 142 2.90 -12.42 13.46
C CYS A 142 1.45 -12.22 13.83
N ALA A 143 1.15 -11.18 14.63
CA ALA A 143 -0.23 -10.83 15.03
C ALA A 143 -1.04 -10.59 13.76
N ALA A 144 -1.89 -11.54 13.36
CA ALA A 144 -2.67 -11.46 12.11
C ALA A 144 -4.14 -11.18 12.40
N ALA A 145 -4.90 -10.72 11.41
CA ALA A 145 -6.36 -10.49 11.53
C ALA A 145 -6.99 -11.26 10.36
N ALA A 146 -7.04 -12.60 10.43
CA ALA A 146 -7.52 -13.44 9.32
C ALA A 146 -6.52 -13.28 8.17
N ASP A 147 -6.97 -13.28 6.91
CA ASP A 147 -6.10 -13.06 5.72
C ASP A 147 -6.20 -11.58 5.33
N ARG A 148 -6.80 -10.74 6.19
CA ARG A 148 -7.01 -9.30 5.92
C ARG A 148 -6.39 -8.49 7.06
N THR A 149 -5.06 -8.50 7.19
CA THR A 149 -4.37 -7.76 8.28
C THR A 149 -4.03 -6.36 7.77
N GLY A 150 -3.83 -6.16 6.46
CA GLY A 150 -3.65 -4.84 5.90
C GLY A 150 -4.92 -4.00 5.92
N HIS A 151 -6.00 -4.53 5.35
CA HIS A 151 -7.29 -3.86 5.38
C HIS A 151 -7.59 -3.39 6.77
N ALA A 152 -7.30 -4.25 7.75
CA ALA A 152 -7.54 -3.90 9.13
C ALA A 152 -6.67 -2.72 9.55
N ILE A 153 -5.36 -2.79 9.30
CA ILE A 153 -4.46 -1.74 9.78
C ILE A 153 -4.78 -0.42 9.11
N LEU A 154 -4.93 -0.41 7.79
CA LEU A 154 -5.13 0.84 7.07
C LEU A 154 -6.44 1.49 7.49
N HIS A 155 -7.51 0.70 7.61
CA HIS A 155 -8.79 1.23 8.06
C HIS A 155 -8.69 1.79 9.48
N THR A 156 -7.95 1.10 10.35
CA THR A 156 -7.81 1.55 11.74
C THR A 156 -6.95 2.80 11.83
N LEU A 157 -5.91 2.90 11.01
CA LEU A 157 -5.08 4.09 11.01
C LEU A 157 -5.80 5.28 10.40
N TYR A 158 -6.67 5.03 9.42
CA TYR A 158 -7.54 6.09 8.92
C TYR A 158 -8.51 6.56 9.99
N GLY A 159 -9.09 5.62 10.75
CA GLY A 159 -9.94 6.01 11.85
C GLY A 159 -9.22 6.84 12.89
N MET A 160 -7.97 6.47 13.20
CA MET A 160 -7.16 7.25 14.12
C MET A 160 -6.92 8.65 13.58
N SER A 161 -6.68 8.76 12.28
CA SER A 161 -6.45 10.07 11.68
C SER A 161 -7.72 10.91 11.71
N LEU A 162 -8.88 10.27 11.52
CA LEU A 162 -10.14 10.97 11.65
C LEU A 162 -10.36 11.45 13.08
N LYS A 163 -10.02 10.61 14.06
CA LYS A 163 -10.16 10.99 15.46
C LYS A 163 -9.32 12.20 15.80
N TYR A 164 -8.12 12.29 15.24
CA TYR A 164 -7.24 13.41 15.47
C TYR A 164 -7.52 14.59 14.55
N ASP A 165 -8.41 14.43 13.58
CA ASP A 165 -8.76 15.48 12.63
C ASP A 165 -7.54 15.95 11.82
N CYS A 166 -7.09 15.04 10.96
CA CYS A 166 -5.95 15.30 10.08
C CYS A 166 -6.43 15.91 8.76
N LEU A 167 -5.82 17.01 8.37
CA LEU A 167 -6.13 17.66 7.10
C LEU A 167 -5.59 16.82 5.95
N PHE A 168 -6.49 16.31 5.11
CA PHE A 168 -6.15 15.42 4.00
C PHE A 168 -6.40 16.13 2.68
N PHE A 169 -5.42 16.07 1.78
CA PHE A 169 -5.57 16.55 0.40
C PHE A 169 -5.63 15.33 -0.51
N ILE A 170 -6.85 14.79 -0.70
CA ILE A 170 -7.04 13.53 -1.40
C ILE A 170 -7.09 13.76 -2.90
N GLU A 171 -6.50 12.83 -3.65
CA GLU A 171 -6.41 12.89 -5.11
C GLU A 171 -5.61 14.13 -5.53
N TYR A 172 -4.44 14.28 -4.91
CA TYR A 172 -3.45 15.29 -5.26
C TYR A 172 -2.13 14.58 -5.57
N PHE A 173 -1.63 14.74 -6.80
CA PHE A 173 -0.42 14.05 -7.24
C PHE A 173 0.78 14.97 -7.04
N ALA A 174 1.66 14.59 -6.10
CA ALA A 174 2.85 15.39 -5.83
C ALA A 174 3.86 15.29 -6.98
N LEU A 175 4.44 16.41 -7.35
CA LEU A 175 5.32 16.50 -8.50
C LEU A 175 6.80 16.60 -8.14
N ASP A 176 7.16 17.44 -7.17
CA ASP A 176 8.54 17.64 -6.79
C ASP A 176 8.59 18.16 -5.36
N LEU A 177 9.81 18.38 -4.86
CA LEU A 177 10.05 18.98 -3.55
C LEU A 177 10.54 20.41 -3.74
N ILE A 178 10.13 21.30 -2.83
CA ILE A 178 10.53 22.72 -2.91
C ILE A 178 11.84 22.83 -2.13
N MET A 179 12.93 22.48 -2.79
CA MET A 179 14.26 22.54 -2.19
C MET A 179 14.77 23.98 -2.14
N ASP A 180 15.58 24.28 -1.12
CA ASP A 180 16.22 25.58 -0.97
C ASP A 180 17.61 25.54 -1.59
N GLN A 181 18.17 26.73 -1.84
CA GLN A 181 19.52 26.81 -2.39
C GLN A 181 20.53 26.19 -1.43
N ASP A 182 20.36 26.43 -0.13
CA ASP A 182 21.27 25.87 0.86
C ASP A 182 21.27 24.34 0.79
N GLY A 183 20.11 23.75 0.56
CA GLY A 183 19.98 22.31 0.49
C GLY A 183 19.01 21.72 1.49
N SER A 184 17.93 22.44 1.78
CA SER A 184 16.92 22.04 2.75
C SER A 184 15.56 21.98 2.07
N CYS A 185 14.82 20.90 2.32
CA CYS A 185 13.46 20.82 1.80
C CYS A 185 12.57 21.82 2.52
N LYS A 186 11.82 22.61 1.75
CA LYS A 186 10.90 23.59 2.29
C LYS A 186 9.45 23.23 1.99
N GLY A 187 9.18 22.03 1.49
CA GLY A 187 7.85 21.57 1.20
C GLY A 187 7.80 20.77 -0.10
N VAL A 188 6.59 20.69 -0.68
CA VAL A 188 6.31 19.91 -1.88
C VAL A 188 5.47 20.76 -2.83
N ILE A 189 5.52 20.44 -4.13
CA ILE A 189 4.67 21.06 -5.14
C ILE A 189 3.80 19.98 -5.78
N ALA A 190 2.49 20.08 -5.60
CA ALA A 190 1.53 19.06 -6.02
C ALA A 190 0.49 19.65 -6.96
N MET A 191 -0.27 18.75 -7.60
CA MET A 191 -1.38 19.10 -8.47
C MET A 191 -2.64 18.39 -7.99
N SER A 192 -3.79 19.04 -8.18
CA SER A 192 -5.06 18.41 -7.90
C SER A 192 -5.61 17.78 -9.18
N MET A 193 -5.94 16.49 -9.10
CA MET A 193 -6.50 15.77 -10.23
C MET A 193 -8.00 15.97 -10.37
N GLU A 194 -8.60 16.69 -9.44
CA GLU A 194 -10.04 16.92 -9.41
C GLU A 194 -10.40 18.34 -9.83
N ASP A 195 -9.51 19.29 -9.62
CA ASP A 195 -9.69 20.67 -10.01
C ASP A 195 -8.71 21.12 -11.09
N GLY A 196 -7.52 20.53 -11.13
CA GLY A 196 -6.52 20.90 -12.11
C GLY A 196 -5.61 22.03 -11.68
N SER A 197 -5.58 22.36 -10.40
CA SER A 197 -4.79 23.46 -9.88
C SER A 197 -3.50 22.93 -9.28
N ILE A 198 -2.46 23.76 -9.33
CA ILE A 198 -1.16 23.46 -8.73
C ILE A 198 -1.13 24.07 -7.33
N HIS A 199 -0.66 23.29 -6.36
CA HIS A 199 -0.57 23.74 -4.97
C HIS A 199 0.87 23.62 -4.52
N ARG A 200 1.36 24.66 -3.85
CA ARG A 200 2.73 24.71 -3.33
C ARG A 200 2.65 24.62 -1.80
N PHE A 201 2.72 23.41 -1.28
CA PHE A 201 2.69 23.20 0.16
C PHE A 201 4.06 23.53 0.74
N GLY A 202 4.10 24.47 1.68
CA GLY A 202 5.34 24.86 2.32
C GLY A 202 5.37 24.48 3.79
N ALA A 203 6.27 23.58 4.15
CA ALA A 203 6.36 23.05 5.50
C ALA A 203 7.79 23.13 6.00
N HIS A 204 7.94 23.11 7.33
CA HIS A 204 9.27 23.09 7.92
C HIS A 204 9.91 21.71 7.80
N GLN A 205 9.11 20.65 7.93
CA GLN A 205 9.60 19.28 7.85
C GLN A 205 8.64 18.47 6.99
N THR A 206 9.19 17.78 5.98
CA THR A 206 8.40 16.99 5.05
C THR A 206 8.69 15.51 5.25
N VAL A 207 7.65 14.68 5.17
CA VAL A 207 7.77 13.24 5.37
C VAL A 207 7.32 12.55 4.09
N ILE A 208 8.24 11.85 3.43
CA ILE A 208 7.96 11.11 2.20
C ILE A 208 7.53 9.71 2.60
N ALA A 209 6.22 9.45 2.53
CA ALA A 209 5.65 8.15 2.86
C ALA A 209 4.98 7.52 1.65
N THR A 210 5.63 7.62 0.50
CA THR A 210 5.15 6.95 -0.70
C THR A 210 5.46 5.45 -0.57
N GLY A 211 5.13 4.67 -1.58
CA GLY A 211 5.40 3.24 -1.56
C GLY A 211 6.65 2.88 -2.35
N GLY A 212 6.67 1.66 -2.90
CA GLY A 212 7.78 1.19 -3.69
C GLY A 212 7.60 1.46 -5.18
N TYR A 213 8.41 0.79 -5.99
CA TYR A 213 8.37 0.93 -7.44
C TYR A 213 8.24 -0.43 -8.11
N GLY A 214 7.41 -1.30 -7.53
CA GLY A 214 7.27 -2.67 -8.01
C GLY A 214 6.60 -2.79 -9.37
N ARG A 215 5.92 -1.75 -9.83
CA ARG A 215 5.28 -1.77 -11.14
C ARG A 215 6.28 -1.53 -12.27
N ALA A 216 7.57 -1.51 -11.95
CA ALA A 216 8.64 -1.42 -12.93
C ALA A 216 9.02 -2.77 -13.50
N TYR A 217 8.36 -3.84 -13.08
CA TYR A 217 8.56 -5.19 -13.59
C TYR A 217 7.27 -5.66 -14.25
N GLN A 218 7.40 -6.62 -15.18
CA GLN A 218 6.22 -7.11 -15.89
C GLN A 218 5.24 -7.78 -14.94
N SER A 219 5.73 -8.71 -14.12
CA SER A 219 4.90 -9.43 -13.16
C SER A 219 5.27 -9.00 -11.74
N CYS A 220 4.32 -8.41 -11.04
CA CYS A 220 4.53 -7.93 -9.68
C CYS A 220 3.28 -8.20 -8.85
N THR A 221 3.45 -8.20 -7.53
CA THR A 221 2.31 -8.22 -6.62
C THR A 221 1.87 -6.82 -6.25
N SER A 222 2.61 -5.81 -6.70
CA SER A 222 2.35 -4.42 -6.37
C SER A 222 1.10 -3.91 -7.09
N ALA A 223 0.60 -2.76 -6.62
CA ALA A 223 -0.54 -2.10 -7.23
C ALA A 223 -0.09 -1.27 -8.43
N HIS A 224 -1.06 -0.95 -9.30
CA HIS A 224 -0.75 -0.07 -10.42
C HIS A 224 -0.30 1.30 -9.94
N THR A 225 -0.65 1.67 -8.71
CA THR A 225 -0.26 2.95 -8.13
C THR A 225 1.16 2.93 -7.57
N CYS A 226 1.80 1.77 -7.49
CA CYS A 226 3.15 1.63 -6.93
C CYS A 226 4.18 1.98 -8.00
N THR A 227 4.46 3.27 -8.13
CA THR A 227 5.40 3.77 -9.13
C THR A 227 6.61 4.45 -8.50
N GLY A 228 6.72 4.44 -7.17
CA GLY A 228 7.85 5.04 -6.49
C GLY A 228 8.01 6.53 -6.80
N ASP A 229 6.97 7.30 -6.46
CA ASP A 229 6.97 8.71 -6.82
C ASP A 229 7.84 9.55 -5.89
N GLY A 230 7.95 9.15 -4.61
CA GLY A 230 8.77 9.90 -3.68
C GLY A 230 10.25 9.68 -3.89
N GLY A 231 10.62 8.49 -4.40
CA GLY A 231 12.01 8.27 -4.76
C GLY A 231 12.43 9.11 -5.95
N GLY A 232 11.58 9.18 -6.97
CA GLY A 232 11.88 10.04 -8.10
C GLY A 232 12.02 11.49 -7.71
N MET A 233 11.15 11.96 -6.80
CA MET A 233 11.25 13.33 -6.32
C MET A 233 12.59 13.58 -5.65
N VAL A 234 13.04 12.64 -4.83
CA VAL A 234 14.32 12.78 -4.15
C VAL A 234 15.46 12.73 -5.15
N SER A 235 15.37 11.82 -6.12
CA SER A 235 16.41 11.70 -7.13
C SER A 235 16.51 12.95 -7.98
N ARG A 236 15.38 13.56 -8.31
CA ARG A 236 15.36 14.79 -9.07
C ARG A 236 15.72 16.00 -8.23
N ALA A 237 15.80 15.85 -6.92
CA ALA A 237 16.33 16.88 -6.04
C ALA A 237 17.83 16.80 -5.88
N GLY A 238 18.46 15.76 -6.42
CA GLY A 238 19.90 15.60 -6.32
C GLY A 238 20.37 14.79 -5.13
N LEU A 239 19.47 14.18 -4.40
CA LEU A 239 19.74 13.42 -3.20
C LEU A 239 19.85 11.92 -3.52
N PRO A 240 20.50 11.14 -2.67
CA PRO A 240 20.74 9.74 -2.99
C PRO A 240 19.60 8.81 -2.64
N LEU A 241 19.53 7.70 -3.36
CA LEU A 241 18.70 6.55 -3.05
C LEU A 241 19.62 5.36 -2.76
N GLN A 242 19.12 4.39 -1.98
CA GLN A 242 19.97 3.35 -1.41
C GLN A 242 19.41 1.95 -1.64
N ASP A 243 20.32 1.00 -1.83
CA ASP A 243 20.00 -0.44 -1.89
C ASP A 243 18.87 -0.73 -2.86
N LEU A 244 18.92 -0.10 -4.02
CA LEU A 244 17.87 -0.34 -5.01
C LEU A 244 18.04 -1.67 -5.75
N GLU A 245 19.20 -2.31 -5.63
CA GLU A 245 19.41 -3.61 -6.26
C GLU A 245 18.69 -4.74 -5.53
N PHE A 246 18.39 -4.55 -4.24
CA PHE A 246 17.76 -5.59 -3.42
C PHE A 246 16.25 -5.52 -3.62
N VAL A 247 15.76 -6.29 -4.59
CA VAL A 247 14.34 -6.43 -4.88
C VAL A 247 13.91 -7.82 -4.47
N GLN A 248 12.87 -7.89 -3.64
CA GLN A 248 12.40 -9.16 -3.10
C GLN A 248 11.35 -9.78 -4.01
N PHE A 249 11.57 -11.03 -4.40
CA PHE A 249 10.59 -11.84 -5.09
C PHE A 249 9.88 -12.69 -4.04
N HIS A 250 8.56 -12.55 -3.93
CA HIS A 250 7.83 -13.38 -2.98
C HIS A 250 7.73 -14.80 -3.51
N PRO A 251 7.98 -15.82 -2.69
CA PRO A 251 8.00 -17.19 -3.22
C PRO A 251 6.73 -17.62 -3.92
N THR A 252 5.57 -17.31 -3.35
CA THR A 252 4.29 -17.76 -3.86
C THR A 252 3.50 -16.56 -4.39
N GLY A 253 3.31 -16.52 -5.71
CA GLY A 253 2.41 -15.57 -6.34
C GLY A 253 1.58 -16.31 -7.37
N ILE A 254 0.27 -16.09 -7.41
CA ILE A 254 -0.58 -16.88 -8.29
C ILE A 254 -0.05 -16.76 -9.72
N PHE A 255 -0.04 -17.88 -10.44
CA PHE A 255 0.48 -17.92 -11.79
C PHE A 255 -0.66 -17.81 -12.81
N PRO A 256 -0.54 -17.00 -13.88
CA PRO A 256 0.42 -15.91 -14.05
C PRO A 256 -0.13 -14.58 -13.57
N ALA A 257 -1.35 -14.57 -13.02
CA ALA A 257 -2.00 -13.36 -12.54
C ALA A 257 -1.01 -12.40 -11.89
N GLY A 258 -0.13 -12.93 -11.05
CA GLY A 258 0.81 -12.12 -10.31
C GLY A 258 0.29 -11.68 -8.95
N CYS A 259 -0.86 -12.18 -8.54
CA CYS A 259 -1.41 -11.89 -7.23
C CYS A 259 -0.53 -12.57 -6.16
N LEU A 260 -0.76 -12.22 -4.90
CA LEU A 260 0.04 -12.73 -3.80
C LEU A 260 -0.75 -13.76 -2.99
N MET A 261 -0.11 -14.89 -2.69
CA MET A 261 -0.62 -15.87 -1.76
C MET A 261 0.16 -15.70 -0.46
N THR A 262 -0.54 -15.43 0.64
CA THR A 262 0.14 -15.09 1.89
C THR A 262 1.14 -16.18 2.27
N GLU A 263 2.28 -15.74 2.84
CA GLU A 263 3.25 -16.68 3.42
C GLU A 263 2.64 -17.43 4.58
N GLY A 264 1.59 -16.87 5.17
CA GLY A 264 0.86 -17.55 6.22
C GLY A 264 0.26 -18.86 5.77
N CYS A 265 -0.03 -19.00 4.47
CA CYS A 265 -0.51 -20.28 3.95
C CYS A 265 0.47 -21.38 4.29
N ARG A 266 1.75 -21.14 4.01
CA ARG A 266 2.80 -22.09 4.36
C ARG A 266 3.00 -22.12 5.87
N GLY A 267 2.83 -20.98 6.54
CA GLY A 267 2.98 -20.88 7.97
C GLY A 267 1.89 -21.56 8.76
N GLU A 268 0.89 -22.11 8.08
CA GLU A 268 -0.20 -22.84 8.70
C GLU A 268 -0.26 -24.29 8.24
N GLY A 269 0.74 -24.74 7.49
CA GLY A 269 0.83 -26.12 7.05
C GLY A 269 1.00 -26.32 5.55
N GLY A 270 0.93 -25.25 4.76
CA GLY A 270 1.02 -25.42 3.32
C GLY A 270 2.36 -25.95 2.87
N ILE A 271 2.34 -26.80 1.85
CA ILE A 271 3.52 -27.49 1.34
C ILE A 271 3.65 -27.21 -0.15
N LEU A 272 4.88 -26.91 -0.59
CA LEU A 272 5.18 -26.70 -2.01
C LEU A 272 5.73 -27.98 -2.62
N ARG A 273 5.09 -28.45 -3.71
CA ARG A 273 5.51 -29.68 -4.37
C ARG A 273 5.89 -29.38 -5.82
N ASN A 274 6.61 -30.31 -6.44
CA ASN A 274 7.12 -30.17 -7.80
C ASN A 274 6.50 -31.24 -8.71
N SER A 275 7.03 -31.34 -9.94
CA SER A 275 6.53 -32.34 -10.89
C SER A 275 6.68 -33.75 -10.35
N GLU A 276 7.69 -33.98 -9.53
CA GLU A 276 7.92 -35.27 -8.90
C GLU A 276 7.08 -35.45 -7.64
N GLY A 277 6.34 -34.43 -7.24
CA GLY A 277 5.51 -34.51 -6.06
C GLY A 277 6.28 -34.43 -4.76
N GLU A 278 7.48 -33.90 -4.79
CA GLU A 278 8.40 -33.86 -3.66
C GLU A 278 8.28 -32.53 -2.91
N PRO A 279 8.27 -32.54 -1.58
CA PRO A 279 8.46 -31.29 -0.85
C PRO A 279 9.93 -30.88 -0.91
N PHE A 280 10.31 -30.36 -2.08
CA PHE A 280 11.71 -30.07 -2.39
C PHE A 280 12.35 -29.09 -1.42
N MET A 281 11.55 -28.32 -0.70
CA MET A 281 12.12 -27.29 0.16
C MET A 281 12.95 -27.85 1.30
N ALA A 282 12.90 -29.16 1.54
CA ALA A 282 13.73 -29.76 2.58
C ALA A 282 15.20 -29.81 2.16
N ARG A 283 15.48 -29.85 0.85
CA ARG A 283 16.87 -29.92 0.40
C ARG A 283 17.59 -28.59 0.61
N TYR A 284 16.87 -27.48 0.45
CA TYR A 284 17.39 -26.14 0.65
C TYR A 284 16.73 -25.58 1.91
N ALA A 285 17.51 -25.06 2.84
CA ALA A 285 16.95 -24.62 4.12
C ALA A 285 16.28 -25.80 4.82
N PRO A 286 17.02 -26.87 5.12
CA PRO A 286 16.39 -28.08 5.68
C PRO A 286 15.68 -27.90 7.01
N THR A 287 16.23 -27.11 7.93
CA THR A 287 15.62 -26.97 9.25
C THR A 287 14.25 -26.31 9.15
N ALA A 288 14.11 -25.31 8.28
CA ALA A 288 12.84 -24.62 8.01
C ALA A 288 12.56 -24.76 6.50
N LYS A 289 12.03 -25.91 6.10
CA LYS A 289 11.78 -26.20 4.69
C LYS A 289 11.01 -25.12 3.93
N ASP A 290 9.73 -24.93 4.23
CA ASP A 290 8.91 -23.96 3.50
C ASP A 290 8.88 -22.61 4.19
N LEU A 291 9.26 -22.57 5.47
CA LEU A 291 9.30 -21.36 6.27
C LEU A 291 10.70 -20.77 6.33
N ALA A 292 11.51 -21.01 5.29
CA ALA A 292 12.82 -20.40 5.15
C ALA A 292 12.65 -18.94 4.73
N SER A 293 13.77 -18.22 4.61
CA SER A 293 13.70 -16.83 4.16
C SER A 293 13.17 -16.76 2.74
N ARG A 294 12.42 -15.69 2.46
CA ARG A 294 11.77 -15.57 1.15
C ARG A 294 12.77 -15.63 0.00
N ASP A 295 14.01 -15.18 0.23
CA ASP A 295 15.00 -15.20 -0.84
C ASP A 295 15.47 -16.62 -1.12
N VAL A 296 15.63 -17.44 -0.07
CA VAL A 296 16.04 -18.82 -0.27
C VAL A 296 14.95 -19.62 -0.97
N VAL A 297 13.70 -19.44 -0.55
CA VAL A 297 12.61 -20.19 -1.16
C VAL A 297 12.49 -19.87 -2.63
N SER A 298 12.56 -18.57 -2.96
CA SER A 298 12.42 -18.15 -4.35
C SER A 298 13.52 -18.73 -5.23
N ARG A 299 14.77 -18.66 -4.76
CA ARG A 299 15.87 -19.22 -5.54
C ARG A 299 15.71 -20.72 -5.72
N ALA A 300 15.25 -21.40 -4.67
CA ALA A 300 15.01 -22.84 -4.77
C ALA A 300 13.95 -23.15 -5.82
N MET A 301 12.85 -22.39 -5.82
CA MET A 301 11.79 -22.62 -6.78
C MET A 301 12.28 -22.37 -8.21
N THR A 302 13.08 -21.32 -8.41
CA THR A 302 13.57 -21.01 -9.75
C THR A 302 14.52 -22.10 -10.25
N LEU A 303 15.39 -22.59 -9.38
CA LEU A 303 16.30 -23.66 -9.78
C LEU A 303 15.54 -24.92 -10.13
N GLU A 304 14.48 -25.22 -9.38
CA GLU A 304 13.71 -26.43 -9.63
C GLU A 304 13.04 -26.40 -10.99
N ILE A 305 12.37 -25.29 -11.32
CA ILE A 305 11.79 -25.14 -12.65
C ILE A 305 12.87 -25.21 -13.71
N ARG A 306 14.03 -24.62 -13.42
CA ARG A 306 15.14 -24.64 -14.37
C ARG A 306 15.66 -26.04 -14.58
N GLU A 307 15.70 -26.86 -13.52
CA GLU A 307 16.18 -28.22 -13.63
C GLU A 307 15.22 -29.12 -14.38
N GLY A 308 14.02 -28.65 -14.68
CA GLY A 308 13.02 -29.42 -15.40
C GLY A 308 11.92 -29.98 -14.55
N ARG A 309 12.06 -29.95 -13.23
CA ARG A 309 11.05 -30.45 -12.31
C ARG A 309 10.02 -29.38 -11.98
N GLY A 310 9.42 -28.79 -13.01
CA GLY A 310 8.36 -27.82 -12.84
C GLY A 310 7.00 -28.40 -13.17
N VAL A 311 5.95 -27.81 -12.60
CA VAL A 311 4.59 -28.31 -12.76
C VAL A 311 3.87 -27.50 -13.82
N GLY A 312 2.84 -28.09 -14.41
CA GLY A 312 2.04 -27.45 -15.43
C GLY A 312 2.25 -28.06 -16.80
N PRO A 313 1.42 -27.70 -17.78
CA PRO A 313 1.67 -28.18 -19.15
C PRO A 313 2.97 -27.68 -19.72
N ASN A 314 3.31 -26.43 -19.45
CA ASN A 314 4.56 -25.84 -19.88
C ASN A 314 5.69 -26.08 -18.88
N LYS A 315 5.40 -26.80 -17.81
CA LYS A 315 6.40 -27.07 -16.76
C LYS A 315 7.07 -25.77 -16.32
N ASP A 316 6.25 -24.75 -16.11
CA ASP A 316 6.73 -23.39 -15.88
C ASP A 316 6.53 -22.88 -14.47
N HIS A 317 5.74 -23.57 -13.64
CA HIS A 317 5.46 -23.09 -12.29
C HIS A 317 5.61 -24.21 -11.25
N ILE A 318 5.23 -23.93 -10.01
CA ILE A 318 5.30 -24.85 -8.88
C ILE A 318 3.92 -24.90 -8.25
N TYR A 319 3.61 -26.00 -7.54
CA TYR A 319 2.31 -26.19 -6.91
C TYR A 319 2.40 -26.00 -5.40
N LEU A 320 1.43 -25.27 -4.84
CA LEU A 320 1.29 -25.08 -3.39
C LEU A 320 0.06 -25.86 -2.94
N HIS A 321 0.27 -26.90 -2.12
CA HIS A 321 -0.79 -27.81 -1.69
C HIS A 321 -1.24 -27.44 -0.28
N LEU A 322 -2.38 -26.77 -0.18
CA LEU A 322 -3.04 -26.51 1.08
C LEU A 322 -4.21 -27.46 1.32
N ASP A 323 -4.44 -28.39 0.39
CA ASP A 323 -5.61 -29.26 0.45
C ASP A 323 -5.59 -30.15 1.70
N HIS A 324 -4.41 -30.58 2.13
CA HIS A 324 -4.32 -31.50 3.26
C HIS A 324 -4.75 -30.87 4.58
N LEU A 325 -4.68 -29.55 4.69
CA LEU A 325 -5.02 -28.86 5.92
C LEU A 325 -6.52 -28.90 6.19
N PRO A 326 -6.94 -28.76 7.46
CA PRO A 326 -8.37 -28.79 7.77
C PRO A 326 -9.13 -27.67 7.06
N ALA A 327 -10.36 -27.98 6.64
CA ALA A 327 -11.18 -27.00 5.94
C ALA A 327 -11.57 -25.84 6.85
N GLU A 328 -11.80 -26.13 8.14
CA GLU A 328 -12.13 -25.07 9.08
C GLU A 328 -10.98 -24.09 9.25
N THR A 329 -9.75 -24.60 9.37
CA THR A 329 -8.60 -23.73 9.49
C THR A 329 -8.42 -22.88 8.23
N LEU A 330 -8.64 -23.49 7.07
CA LEU A 330 -8.58 -22.74 5.82
C LEU A 330 -9.62 -21.62 5.83
N ARG A 331 -10.84 -21.93 6.27
CA ARG A 331 -11.91 -20.97 6.27
C ARG A 331 -11.72 -19.88 7.31
N GLU A 332 -11.07 -20.24 8.45
CA GLU A 332 -10.93 -19.34 9.59
C GLU A 332 -9.68 -18.48 9.49
N ARG A 333 -8.54 -19.09 9.13
CA ARG A 333 -7.25 -18.43 9.13
C ARG A 333 -6.84 -17.90 7.76
N LEU A 334 -7.29 -18.53 6.68
CA LEU A 334 -6.97 -18.12 5.32
C LEU A 334 -8.26 -17.85 4.54
N PRO A 335 -9.10 -16.93 5.03
CA PRO A 335 -10.41 -16.70 4.38
C PRO A 335 -10.32 -16.02 3.03
N GLY A 336 -9.30 -15.21 2.79
CA GLY A 336 -9.22 -14.41 1.58
C GLY A 336 -8.51 -15.11 0.44
N ILE A 337 -7.47 -15.88 0.76
CA ILE A 337 -6.72 -16.63 -0.25
C ILE A 337 -7.67 -17.50 -1.06
N SER A 338 -8.58 -18.19 -0.39
CA SER A 338 -9.46 -19.16 -1.06
C SER A 338 -10.23 -18.50 -2.20
N GLU A 339 -10.84 -17.35 -1.93
CA GLU A 339 -11.63 -16.68 -2.95
C GLU A 339 -10.76 -16.20 -4.10
N THR A 340 -9.61 -15.59 -3.78
CA THR A 340 -8.73 -15.08 -4.82
C THR A 340 -8.26 -16.22 -5.73
N ALA A 341 -7.94 -17.37 -5.16
CA ALA A 341 -7.58 -18.53 -5.96
C ALA A 341 -8.74 -18.95 -6.85
N LYS A 342 -9.95 -19.00 -6.29
CA LYS A 342 -11.11 -19.43 -7.04
C LYS A 342 -11.36 -18.55 -8.25
N ILE A 343 -10.92 -17.29 -8.19
CA ILE A 343 -11.18 -16.34 -9.27
C ILE A 343 -10.00 -16.28 -10.22
N PHE A 344 -8.85 -15.81 -9.74
CA PHE A 344 -7.72 -15.54 -10.61
C PHE A 344 -6.98 -16.80 -11.04
N ALA A 345 -7.26 -17.94 -10.42
CA ALA A 345 -6.66 -19.21 -10.80
C ALA A 345 -7.68 -20.31 -11.06
N GLY A 346 -8.91 -20.20 -10.54
CA GLY A 346 -9.90 -21.24 -10.69
C GLY A 346 -9.60 -22.50 -9.91
N VAL A 347 -9.03 -22.36 -8.71
CA VAL A 347 -8.59 -23.48 -7.89
C VAL A 347 -9.47 -23.53 -6.64
N ASP A 348 -9.82 -24.76 -6.24
CA ASP A 348 -10.49 -25.00 -4.96
C ASP A 348 -9.42 -25.43 -3.95
N VAL A 349 -9.07 -24.51 -3.05
CA VAL A 349 -7.95 -24.73 -2.14
C VAL A 349 -8.10 -26.04 -1.39
N THR A 350 -9.32 -26.38 -0.99
CA THR A 350 -9.56 -27.57 -0.19
C THR A 350 -9.39 -28.86 -0.97
N LYS A 351 -9.32 -28.81 -2.30
CA LYS A 351 -9.28 -30.01 -3.13
C LYS A 351 -8.18 -30.00 -4.18
N GLU A 352 -7.57 -28.86 -4.47
CA GLU A 352 -6.65 -28.72 -5.58
C GLU A 352 -5.43 -27.92 -5.17
N PRO A 353 -4.31 -28.08 -5.88
CA PRO A 353 -3.15 -27.23 -5.64
C PRO A 353 -3.25 -25.91 -6.38
N ILE A 354 -2.55 -24.91 -5.88
CA ILE A 354 -2.56 -23.56 -6.43
C ILE A 354 -1.28 -23.35 -7.24
N PRO A 355 -1.36 -22.88 -8.48
CA PRO A 355 -0.14 -22.59 -9.25
C PRO A 355 0.51 -21.31 -8.76
N VAL A 356 1.82 -21.38 -8.48
CA VAL A 356 2.56 -20.26 -7.92
C VAL A 356 3.93 -20.15 -8.57
N LEU A 357 4.50 -18.94 -8.51
CA LEU A 357 5.81 -18.64 -9.09
C LEU A 357 6.40 -17.44 -8.38
N PRO A 358 7.72 -17.38 -8.17
CA PRO A 358 8.32 -16.20 -7.53
C PRO A 358 8.01 -14.91 -8.31
N THR A 359 7.57 -13.88 -7.58
CA THR A 359 7.12 -12.61 -8.16
C THR A 359 7.64 -11.44 -7.34
N VAL A 360 8.02 -10.34 -8.01
CA VAL A 360 8.51 -9.16 -7.27
C VAL A 360 7.42 -8.65 -6.35
N HIS A 361 7.78 -8.41 -5.08
CA HIS A 361 6.81 -8.07 -4.05
C HIS A 361 7.12 -6.78 -3.32
N TYR A 362 8.37 -6.63 -2.85
CA TYR A 362 8.78 -5.50 -2.03
C TYR A 362 10.12 -5.00 -2.54
N ASN A 363 10.49 -3.79 -2.13
CA ASN A 363 11.79 -3.20 -2.49
C ASN A 363 12.47 -2.75 -1.20
N MET A 364 13.54 -3.46 -0.82
CA MET A 364 14.27 -3.11 0.39
C MET A 364 14.96 -1.76 0.28
N GLY A 365 15.18 -1.28 -0.95
CA GLY A 365 15.82 0.01 -1.14
C GLY A 365 14.84 1.17 -1.01
N GLY A 366 15.40 2.37 -1.01
CA GLY A 366 14.61 3.58 -0.84
C GLY A 366 15.49 4.74 -0.44
N ILE A 367 14.85 5.78 0.07
CA ILE A 367 15.58 6.98 0.52
C ILE A 367 16.45 6.59 1.71
N PRO A 368 17.75 6.91 1.71
CA PRO A 368 18.58 6.64 2.89
C PRO A 368 18.05 7.40 4.10
N THR A 369 17.92 6.69 5.22
CA THR A 369 17.38 7.29 6.44
C THR A 369 18.15 6.79 7.67
N ASN A 370 18.13 7.58 8.73
CA ASN A 370 18.70 7.19 10.01
C ASN A 370 17.62 6.54 10.87
N TRP A 371 17.92 6.24 12.14
CA TRP A 371 16.96 5.59 13.00
C TRP A 371 15.83 6.51 13.42
N LYS A 372 15.97 7.82 13.22
CA LYS A 372 14.95 8.80 13.53
C LYS A 372 14.08 9.12 12.33
N ALA A 373 14.27 8.41 11.21
CA ALA A 373 13.52 8.58 9.98
C ALA A 373 13.89 9.87 9.24
N GLN A 374 15.02 10.47 9.58
CA GLN A 374 15.51 11.64 8.88
C GLN A 374 16.30 11.21 7.64
N CYS A 375 15.90 11.70 6.47
CA CYS A 375 16.60 11.34 5.24
C CYS A 375 18.04 11.82 5.29
N LEU A 376 18.93 11.03 4.69
CA LEU A 376 20.36 11.27 4.74
C LEU A 376 20.89 11.67 3.37
N ASN A 377 21.87 12.58 3.36
CA ASN A 377 22.61 12.97 2.16
C ASN A 377 24.09 12.74 2.46
N PRO A 378 24.53 11.48 2.46
CA PRO A 378 25.87 11.17 2.97
C PRO A 378 26.97 11.90 2.22
N THR A 379 28.01 12.26 2.96
CA THR A 379 29.21 12.88 2.46
C THR A 379 30.42 12.03 2.87
N SER A 380 31.52 12.20 2.14
CA SER A 380 32.67 11.33 2.36
C SER A 380 33.13 11.36 3.81
N SER A 381 32.93 12.49 4.49
CA SER A 381 33.33 12.63 5.89
C SER A 381 32.20 12.35 6.85
N ASP A 382 30.95 12.53 6.43
CA ASP A 382 29.78 12.38 7.29
C ASP A 382 28.82 11.41 6.63
N PRO A 383 29.03 10.10 6.79
CA PRO A 383 28.10 9.13 6.20
C PRO A 383 26.70 9.23 6.78
N ASN A 384 26.56 9.85 7.96
CA ASN A 384 25.27 9.99 8.62
C ASN A 384 24.68 11.38 8.47
N LYS A 385 25.24 12.22 7.59
CA LYS A 385 24.71 13.56 7.37
C LYS A 385 23.25 13.47 6.91
N ILE A 386 22.41 14.36 7.40
CA ILE A 386 20.97 14.29 7.16
C ILE A 386 20.52 15.51 6.37
N VAL A 387 19.60 15.31 5.42
CA VAL A 387 18.98 16.46 4.76
C VAL A 387 18.27 17.30 5.82
N PRO A 388 18.42 18.62 5.82
CA PRO A 388 17.94 19.39 6.97
C PRO A 388 16.45 19.26 7.25
N GLY A 389 15.61 19.30 6.20
CA GLY A 389 14.18 19.35 6.41
C GLY A 389 13.37 18.18 5.86
N LEU A 390 14.01 17.03 5.64
CA LEU A 390 13.36 15.89 5.01
C LEU A 390 13.41 14.65 5.90
N LEU A 391 12.30 13.89 5.88
CA LEU A 391 12.17 12.61 6.58
C LEU A 391 11.51 11.62 5.64
N ALA A 392 11.70 10.31 5.89
CA ALA A 392 11.06 9.27 5.07
C ALA A 392 10.56 8.13 5.95
N ALA A 393 9.49 7.48 5.51
CA ALA A 393 8.89 6.36 6.23
C ALA A 393 8.25 5.38 5.25
N GLY A 394 8.22 4.09 5.62
CA GLY A 394 7.53 3.07 4.83
C GLY A 394 8.43 2.40 3.81
N GLU A 395 7.79 1.74 2.83
CA GLU A 395 8.55 1.08 1.77
C GLU A 395 9.41 2.08 1.02
N ALA A 396 8.94 3.33 0.94
CA ALA A 396 9.70 4.39 0.28
C ALA A 396 11.05 4.61 0.95
N GLY A 397 11.08 4.54 2.29
CA GLY A 397 12.31 4.78 3.02
C GLY A 397 13.17 3.55 3.12
N SER A 398 14.47 3.76 3.35
CA SER A 398 15.43 2.68 3.57
C SER A 398 16.25 3.02 4.81
N ALA A 399 15.69 2.77 5.99
CA ALA A 399 16.45 2.83 7.21
C ALA A 399 17.34 1.61 7.36
N SER A 400 17.17 0.66 6.45
CA SER A 400 17.91 -0.60 6.39
C SER A 400 17.54 -1.50 7.57
N VAL A 401 16.31 -1.37 8.09
CA VAL A 401 15.85 -2.37 9.05
C VAL A 401 15.78 -3.73 8.37
N HIS A 402 15.43 -3.75 7.08
CA HIS A 402 15.25 -4.98 6.32
C HIS A 402 16.49 -5.40 5.54
N GLY A 403 17.47 -4.51 5.35
CA GLY A 403 18.73 -4.89 4.72
C GLY A 403 18.56 -5.50 3.34
N ALA A 404 19.16 -6.67 3.14
CA ALA A 404 19.16 -7.33 1.84
C ALA A 404 17.94 -8.22 1.60
N ASN A 405 17.21 -8.58 2.66
CA ASN A 405 16.00 -9.37 2.54
C ASN A 405 15.10 -9.06 3.73
N ARG A 406 13.84 -8.76 3.44
CA ARG A 406 12.86 -8.43 4.46
C ARG A 406 12.21 -9.69 4.99
N LEU A 407 12.08 -9.81 6.31
CA LEU A 407 11.34 -10.92 6.89
C LEU A 407 9.84 -10.61 6.83
N GLY A 408 9.06 -11.61 6.44
CA GLY A 408 7.62 -11.42 6.34
C GLY A 408 7.05 -10.86 7.63
N ALA A 409 6.11 -9.93 7.52
CA ALA A 409 5.44 -9.32 8.67
C ALA A 409 6.34 -8.35 9.42
N ASN A 410 7.39 -7.83 8.77
CA ASN A 410 8.20 -6.76 9.35
C ASN A 410 7.97 -5.41 8.69
N SER A 411 7.41 -5.39 7.49
CA SER A 411 7.17 -4.12 6.81
C SER A 411 6.03 -3.35 7.46
N LEU A 412 4.89 -4.02 7.68
CA LEU A 412 3.77 -3.38 8.36
C LEU A 412 4.22 -2.88 9.73
N LEU A 413 5.20 -3.56 10.34
CA LEU A 413 5.78 -3.10 11.60
C LEU A 413 6.63 -1.85 11.38
N ASP A 414 7.35 -1.78 10.26
CA ASP A 414 8.14 -0.61 9.94
C ASP A 414 7.25 0.58 9.61
N LEU A 415 6.06 0.34 9.04
CA LEU A 415 5.14 1.43 8.77
C LEU A 415 4.76 2.13 10.07
N VAL A 416 4.29 1.36 11.06
CA VAL A 416 3.80 1.93 12.31
C VAL A 416 4.96 2.53 13.12
N VAL A 417 6.07 1.80 13.25
CA VAL A 417 7.14 2.26 14.12
C VAL A 417 7.78 3.53 13.57
N PHE A 418 8.15 3.53 12.28
CA PHE A 418 8.87 4.65 11.74
C PHE A 418 7.96 5.82 11.39
N GLY A 419 6.69 5.58 11.09
CA GLY A 419 5.75 6.68 11.01
C GLY A 419 5.63 7.40 12.34
N ARG A 420 5.56 6.63 13.42
CA ARG A 420 5.53 7.21 14.76
C ARG A 420 6.83 7.94 15.08
N THR A 421 7.97 7.34 14.72
CA THR A 421 9.26 7.96 14.99
C THR A 421 9.39 9.28 14.24
N ALA A 422 8.93 9.30 12.99
CA ALA A 422 9.02 10.50 12.19
C ALA A 422 8.23 11.64 12.82
N ALA A 423 7.06 11.35 13.35
CA ALA A 423 6.27 12.36 14.04
C ALA A 423 6.97 12.86 15.29
N ASP A 424 7.62 11.95 16.04
CA ASP A 424 8.35 12.36 17.23
C ASP A 424 9.54 13.25 16.87
N THR A 425 10.23 12.90 15.78
CA THR A 425 11.43 13.63 15.39
C THR A 425 11.11 15.05 14.95
N VAL A 426 10.00 15.22 14.22
CA VAL A 426 9.56 16.55 13.81
C VAL A 426 9.14 17.37 15.02
N ALA A 427 8.46 16.74 15.98
CA ALA A 427 8.02 17.46 17.17
C ALA A 427 9.20 18.16 17.85
N GLU A 428 10.32 17.47 17.96
CA GLU A 428 11.51 18.07 18.57
C GLU A 428 12.04 19.23 17.75
N ILE A 429 12.07 19.07 16.42
CA ILE A 429 12.58 20.12 15.48
C ILE A 429 11.58 21.28 15.43
N VAL A 430 10.39 21.07 14.86
CA VAL A 430 9.35 22.13 14.70
C VAL A 430 8.50 22.20 15.96
N LYS A 431 8.29 23.40 16.51
CA LYS A 431 7.43 23.61 17.71
C LYS A 431 5.96 23.59 17.27
N PRO A 432 4.99 23.36 18.18
CA PRO A 432 3.58 23.27 17.80
C PRO A 432 3.15 24.54 17.06
N ASN A 433 3.59 25.72 17.54
CA ASN A 433 3.31 27.02 16.87
C ASN A 433 4.65 27.62 16.45
N SER A 434 4.84 27.90 15.16
CA SER A 434 6.12 28.43 14.62
C SER A 434 5.85 29.47 13.52
N PRO A 435 6.74 30.46 13.30
CA PRO A 435 6.57 31.41 12.19
C PRO A 435 6.53 30.62 10.88
N PRO A 436 5.76 31.04 9.84
CA PRO A 436 5.61 30.23 8.60
C PRO A 436 6.89 30.14 7.79
N VAL A 437 7.08 29.01 7.10
CA VAL A 437 8.26 28.81 6.24
C VAL A 437 8.26 29.84 5.11
N THR A 438 9.46 30.25 4.68
CA THR A 438 9.63 31.20 3.58
C THR A 438 9.96 30.43 2.30
N LEU A 439 8.93 30.10 1.53
CA LEU A 439 9.13 29.38 0.28
C LEU A 439 10.07 30.18 -0.62
N PRO A 440 11.10 29.56 -1.19
CA PRO A 440 12.06 30.31 -2.01
C PRO A 440 11.35 31.02 -3.16
N LYS A 441 12.04 32.03 -3.72
CA LYS A 441 11.36 32.93 -4.66
C LYS A 441 10.91 32.18 -5.92
N ASP A 442 11.79 31.37 -6.49
CA ASP A 442 11.46 30.59 -7.69
C ASP A 442 11.03 29.18 -7.31
N ALA A 443 10.01 29.09 -6.47
CA ALA A 443 9.55 27.80 -5.96
C ALA A 443 8.54 27.21 -6.93
N GLY A 444 8.94 26.14 -7.60
CA GLY A 444 8.09 25.44 -8.54
C GLY A 444 8.36 25.76 -9.99
N GLY A 445 9.00 26.89 -10.27
CA GLY A 445 9.28 27.31 -11.63
C GLY A 445 9.67 26.16 -12.54
N GLY A 446 10.71 25.41 -12.15
CA GLY A 446 11.14 24.29 -12.96
C GLY A 446 10.08 23.21 -13.07
N THR A 447 9.42 22.90 -11.95
CA THR A 447 8.39 21.86 -11.97
C THR A 447 7.23 22.24 -12.88
N ILE A 448 6.78 23.49 -12.80
CA ILE A 448 5.68 23.94 -13.66
C ILE A 448 6.09 23.84 -15.12
N ASP A 449 7.32 24.25 -15.43
CA ASP A 449 7.77 24.22 -16.82
C ASP A 449 7.79 22.79 -17.36
N ARG A 450 8.33 21.86 -16.57
CA ARG A 450 8.35 20.46 -16.98
C ARG A 450 6.94 19.90 -17.11
N PHE A 451 6.06 20.22 -16.16
CA PHE A 451 4.68 19.75 -16.23
C PHE A 451 4.02 20.24 -17.52
N ASP A 452 4.26 21.49 -17.87
CA ASP A 452 3.69 22.05 -19.09
C ASP A 452 4.31 21.42 -20.34
N LYS A 453 5.63 21.19 -20.29
CA LYS A 453 6.30 20.53 -21.41
C LYS A 453 5.77 19.12 -21.64
N ILE A 454 5.50 18.40 -20.56
CA ILE A 454 4.95 17.05 -20.66
C ILE A 454 3.47 17.11 -21.02
N ARG A 455 2.75 18.09 -20.50
CA ARG A 455 1.33 18.23 -20.85
C ARG A 455 1.19 18.39 -22.36
N HIS A 456 2.01 19.24 -22.97
CA HIS A 456 2.00 19.47 -24.41
C HIS A 456 3.09 18.68 -25.11
N ALA A 457 3.08 17.36 -24.90
CA ALA A 457 4.04 16.45 -25.50
C ALA A 457 3.41 15.75 -26.69
N LYS A 458 4.06 15.85 -27.85
CA LYS A 458 3.54 15.32 -29.11
C LYS A 458 4.59 14.51 -29.84
N GLY A 459 5.30 13.65 -29.11
CA GLY A 459 6.35 12.84 -29.68
C GLY A 459 5.88 11.48 -30.17
N PRO A 460 6.77 10.73 -30.81
CA PRO A 460 6.34 9.48 -31.45
C PRO A 460 5.97 8.35 -30.50
N VAL A 461 6.76 8.10 -29.46
CA VAL A 461 6.52 6.94 -28.60
C VAL A 461 5.40 7.26 -27.61
N SER A 462 4.64 6.22 -27.24
CA SER A 462 3.56 6.33 -26.28
C SER A 462 4.02 5.88 -24.91
N THR A 463 3.40 6.46 -23.87
CA THR A 463 3.77 6.13 -22.50
C THR A 463 3.63 4.63 -22.24
N ALA A 464 2.55 4.03 -22.73
CA ALA A 464 2.32 2.61 -22.49
C ALA A 464 3.40 1.76 -23.14
N ASP A 465 3.75 2.06 -24.39
CA ASP A 465 4.77 1.30 -25.08
C ASP A 465 6.11 1.39 -24.36
N LEU A 466 6.48 2.61 -23.94
CA LEU A 466 7.74 2.78 -23.24
C LEU A 466 7.74 2.04 -21.91
N ARG A 467 6.61 2.05 -21.20
CA ARG A 467 6.51 1.35 -19.93
C ARG A 467 6.65 -0.15 -20.13
N SER A 468 5.99 -0.70 -21.14
CA SER A 468 6.12 -2.13 -21.43
C SER A 468 7.56 -2.50 -21.74
N LYS A 469 8.27 -1.63 -22.46
CA LYS A 469 9.67 -1.88 -22.76
C LYS A 469 10.49 -1.94 -21.48
N LEU A 470 10.30 -0.99 -20.58
CA LEU A 470 11.02 -0.98 -19.32
C LEU A 470 10.67 -2.20 -18.47
N GLN A 471 9.38 -2.53 -18.39
CA GLN A 471 8.96 -3.67 -17.59
C GLN A 471 9.57 -4.96 -18.12
N ARG A 472 9.63 -5.10 -19.44
CA ARG A 472 10.24 -6.28 -20.05
C ARG A 472 11.72 -6.37 -19.70
N THR A 473 12.46 -5.26 -19.85
CA THR A 473 13.88 -5.29 -19.60
C THR A 473 14.18 -5.64 -18.15
N MET A 474 13.44 -5.06 -17.21
CA MET A 474 13.66 -5.35 -15.80
C MET A 474 13.38 -6.81 -15.48
N GLN A 475 12.29 -7.34 -16.03
CA GLN A 475 11.91 -8.73 -15.76
C GLN A 475 12.92 -9.71 -16.33
N THR A 476 13.49 -9.41 -17.50
CA THR A 476 14.41 -10.32 -18.17
C THR A 476 15.87 -10.11 -17.77
N ARG A 477 16.26 -8.88 -17.45
CA ARG A 477 17.66 -8.58 -17.17
C ARG A 477 17.97 -8.54 -15.69
N ALA A 478 16.95 -8.46 -14.83
CA ALA A 478 17.13 -8.50 -13.38
C ALA A 478 16.18 -9.52 -12.76
N PRO A 479 16.35 -10.81 -13.08
CA PRO A 479 15.48 -11.84 -12.51
C PRO A 479 15.95 -12.30 -11.13
N VAL A 480 15.39 -13.40 -10.63
CA VAL A 480 15.82 -13.93 -9.33
C VAL A 480 17.32 -14.22 -9.36
N TYR A 481 17.80 -14.89 -10.42
CA TYR A 481 19.21 -15.21 -10.58
C TYR A 481 19.80 -14.32 -11.65
N ARG A 482 20.60 -13.35 -11.23
CA ARG A 482 21.14 -12.34 -12.12
C ARG A 482 22.54 -12.75 -12.57
N ASN A 483 22.85 -12.50 -13.85
CA ASN A 483 24.21 -12.66 -14.34
C ASN A 483 24.77 -11.34 -14.84
N GLY A 484 26.09 -11.24 -14.79
CA GLY A 484 26.74 -9.96 -15.06
C GLY A 484 26.58 -9.53 -16.50
N ASP A 485 26.61 -10.48 -17.44
CA ASP A 485 26.45 -10.14 -18.85
C ASP A 485 25.08 -9.51 -19.10
N ASP A 486 24.02 -10.17 -18.64
CA ASP A 486 22.67 -9.60 -18.82
C ASP A 486 22.55 -8.27 -18.11
N LEU A 487 23.10 -8.17 -16.90
CA LEU A 487 23.02 -6.91 -16.16
C LEU A 487 23.65 -5.78 -16.95
N LYS A 488 24.74 -6.06 -17.66
CA LYS A 488 25.37 -5.05 -18.51
C LYS A 488 24.48 -4.71 -19.69
N LYS A 489 23.99 -5.73 -20.42
CA LYS A 489 23.07 -5.49 -21.51
C LYS A 489 21.91 -4.62 -21.05
N GLY A 490 21.28 -5.02 -19.94
CA GLY A 490 20.13 -4.27 -19.44
C GLY A 490 20.49 -2.85 -19.07
N CYS A 491 21.67 -2.65 -18.48
CA CYS A 491 22.08 -1.31 -18.10
C CYS A 491 22.18 -0.40 -19.31
N GLU A 492 22.63 -0.94 -20.45
CA GLU A 492 22.62 -0.17 -21.68
C GLU A 492 21.20 0.10 -22.15
N GLU A 493 20.33 -0.90 -22.04
CA GLU A 493 18.95 -0.74 -22.50
C GLU A 493 18.19 0.29 -21.69
N VAL A 494 18.34 0.28 -20.36
CA VAL A 494 17.61 1.23 -19.54
C VAL A 494 18.09 2.65 -19.82
N ARG A 495 19.39 2.81 -20.11
CA ARG A 495 19.89 4.13 -20.48
C ARG A 495 19.27 4.60 -21.78
N GLU A 496 19.04 3.68 -22.73
CA GLU A 496 18.33 4.05 -23.95
C GLU A 496 16.90 4.44 -23.66
N ILE A 497 16.20 3.67 -22.83
CA ILE A 497 14.84 3.99 -22.43
C ILE A 497 14.80 5.34 -21.73
N MET A 498 15.89 5.71 -21.05
CA MET A 498 15.97 7.02 -20.40
C MET A 498 15.99 8.15 -21.41
N LYS A 499 16.75 7.99 -22.49
CA LYS A 499 16.83 9.02 -23.52
C LYS A 499 15.66 8.97 -24.47
N GLU A 500 14.82 7.93 -24.36
CA GLU A 500 13.62 7.80 -25.16
C GLU A 500 12.42 8.52 -24.56
N TYR A 501 12.51 8.90 -23.29
CA TYR A 501 11.43 9.63 -22.64
C TYR A 501 11.26 11.03 -23.22
N LYS A 502 12.25 11.50 -23.97
CA LYS A 502 12.20 12.77 -24.67
C LYS A 502 11.29 12.72 -25.89
N ASP A 503 10.86 11.53 -26.30
CA ASP A 503 9.98 11.35 -27.44
C ASP A 503 8.58 10.91 -27.05
N VAL A 504 8.27 10.82 -25.75
CA VAL A 504 6.96 10.39 -25.32
C VAL A 504 5.92 11.44 -25.73
N GLY A 505 4.71 10.97 -26.02
CA GLY A 505 3.63 11.86 -26.41
C GLY A 505 2.30 11.47 -25.79
N ILE A 506 1.54 12.45 -25.32
CA ILE A 506 0.23 12.22 -24.71
C ILE A 506 -0.82 12.89 -25.59
N LYS A 507 -2.00 12.28 -25.63
CA LYS A 507 -3.10 12.78 -26.46
C LYS A 507 -4.06 13.69 -25.70
N ASP A 508 -4.21 13.51 -24.39
CA ASP A 508 -5.10 14.31 -23.59
C ASP A 508 -4.35 15.49 -22.99
N ARG A 509 -4.89 16.69 -23.18
CA ARG A 509 -4.24 17.93 -22.76
C ARG A 509 -5.01 18.67 -21.68
N THR A 510 -6.01 18.03 -21.07
CA THR A 510 -6.76 18.59 -19.96
C THR A 510 -5.99 18.39 -18.65
N LEU A 511 -6.50 19.00 -17.57
CA LEU A 511 -5.88 18.91 -16.27
C LEU A 511 -6.72 18.21 -15.21
N VAL A 512 -7.97 17.87 -15.50
CA VAL A 512 -8.86 17.22 -14.55
C VAL A 512 -8.85 15.72 -14.84
N TRP A 513 -8.25 14.95 -13.94
CA TRP A 513 -8.18 13.50 -14.07
C TRP A 513 -7.61 13.07 -15.42
N ASN A 514 -6.53 13.75 -15.83
CA ASN A 514 -5.77 13.38 -17.02
C ASN A 514 -4.83 12.22 -16.68
N THR A 515 -5.39 11.01 -16.70
CA THR A 515 -4.61 9.82 -16.39
C THR A 515 -3.44 9.66 -17.34
N ASP A 516 -3.60 10.08 -18.60
CA ASP A 516 -2.52 10.00 -19.57
C ASP A 516 -1.30 10.78 -19.10
N LEU A 517 -1.50 12.03 -18.65
CA LEU A 517 -0.41 12.84 -18.15
C LEU A 517 0.16 12.28 -16.87
N ILE A 518 -0.72 11.92 -15.92
CA ILE A 518 -0.26 11.40 -14.64
C ILE A 518 0.60 10.16 -14.85
N GLU A 519 0.18 9.28 -15.75
CA GLU A 519 0.93 8.05 -16.00
C GLU A 519 2.27 8.32 -16.65
N THR A 520 2.37 9.40 -17.43
CA THR A 520 3.66 9.75 -18.03
C THR A 520 4.60 10.34 -16.99
N LEU A 521 4.07 11.14 -16.07
CA LEU A 521 4.88 11.63 -14.96
C LEU A 521 5.33 10.48 -14.07
N GLU A 522 4.48 9.47 -13.91
CA GLU A 522 4.84 8.29 -13.12
C GLU A 522 5.93 7.48 -13.82
N LEU A 523 5.85 7.38 -15.15
CA LEU A 523 6.88 6.64 -15.89
C LEU A 523 8.25 7.26 -15.70
N GLU A 524 8.33 8.58 -15.53
CA GLU A 524 9.61 9.21 -15.24
C GLU A 524 10.18 8.70 -13.94
N ASN A 525 9.34 8.60 -12.90
CA ASN A 525 9.80 8.07 -11.63
C ASN A 525 10.19 6.61 -11.75
N LEU A 526 9.39 5.83 -12.48
CA LEU A 526 9.68 4.41 -12.66
C LEU A 526 11.00 4.21 -13.39
N ILE A 527 11.26 5.01 -14.42
CA ILE A 527 12.48 4.86 -15.21
C ILE A 527 13.71 5.15 -14.34
N THR A 528 13.68 6.25 -13.58
CA THR A 528 14.87 6.62 -12.83
C THR A 528 15.20 5.57 -11.77
N GLN A 529 14.18 5.05 -11.08
CA GLN A 529 14.43 4.05 -10.06
C GLN A 529 14.84 2.71 -10.66
N ALA A 530 14.19 2.33 -11.77
CA ALA A 530 14.55 1.09 -12.44
C ALA A 530 15.97 1.16 -12.98
N ALA A 531 16.37 2.33 -13.47
CA ALA A 531 17.75 2.50 -13.93
C ALA A 531 18.73 2.33 -12.79
N GLN A 532 18.49 3.03 -11.67
CA GLN A 532 19.38 2.93 -10.53
C GLN A 532 19.46 1.50 -10.00
N THR A 533 18.36 0.74 -10.13
CA THR A 533 18.37 -0.66 -9.69
C THR A 533 19.35 -1.49 -10.53
N ILE A 534 19.24 -1.40 -11.86
CA ILE A 534 20.10 -2.18 -12.73
C ILE A 534 21.56 -1.76 -12.57
N VAL A 535 21.80 -0.45 -12.48
CA VAL A 535 23.17 0.04 -12.35
C VAL A 535 23.79 -0.45 -11.03
N SER A 536 23.03 -0.34 -9.94
CA SER A 536 23.53 -0.78 -8.64
C SER A 536 23.76 -2.29 -8.61
N GLY A 537 22.87 -3.05 -9.22
CA GLY A 537 23.03 -4.49 -9.21
C GLY A 537 24.24 -4.95 -10.00
N GLU A 538 24.44 -4.39 -11.19
CA GLU A 538 25.61 -4.75 -11.98
C GLU A 538 26.90 -4.39 -11.26
N ALA A 539 26.86 -3.32 -10.47
CA ALA A 539 28.04 -2.86 -9.77
C ALA A 539 28.39 -3.74 -8.58
N ARG A 540 27.38 -4.38 -7.96
CA ARG A 540 27.61 -5.23 -6.79
C ARG A 540 28.06 -6.60 -7.28
N LYS A 541 29.33 -6.92 -7.04
CA LYS A 541 29.92 -8.18 -7.49
C LYS A 541 29.97 -9.20 -6.35
N GLU A 542 28.80 -9.48 -5.79
CA GLU A 542 28.63 -10.43 -4.69
C GLU A 542 27.22 -10.97 -4.76
N SER A 543 26.88 -11.89 -3.84
CA SER A 543 25.54 -12.45 -3.74
C SER A 543 25.06 -12.36 -2.30
N ARG A 544 24.28 -11.32 -1.97
CA ARG A 544 23.75 -11.09 -0.65
C ARG A 544 22.23 -11.00 -0.71
N GLY A 545 21.55 -11.71 0.19
CA GLY A 545 20.10 -11.64 0.27
C GLY A 545 19.39 -11.85 -1.05
N ALA A 546 18.58 -10.88 -1.45
CA ALA A 546 17.79 -10.99 -2.68
C ALA A 546 18.66 -10.87 -3.93
N HIS A 547 19.81 -10.19 -3.82
CA HIS A 547 20.73 -10.05 -4.95
C HIS A 547 21.56 -11.32 -5.05
N ALA A 548 21.31 -12.13 -6.10
CA ALA A 548 21.96 -13.42 -6.29
C ALA A 548 22.65 -13.47 -7.65
N ARG A 549 23.91 -13.07 -7.69
CA ARG A 549 24.69 -13.13 -8.93
C ARG A 549 25.25 -14.54 -9.14
N GLU A 550 25.01 -15.09 -10.34
CA GLU A 550 25.60 -16.38 -10.68
C GLU A 550 27.11 -16.27 -10.86
N ASP A 551 27.57 -15.14 -11.38
CA ASP A 551 29.01 -14.93 -11.56
C ASP A 551 29.74 -14.96 -10.23
N PHE A 552 29.20 -14.26 -9.23
CA PHE A 552 29.76 -14.20 -7.88
C PHE A 552 28.69 -14.78 -6.95
N THR A 553 28.89 -16.03 -6.51
CA THR A 553 27.88 -16.77 -5.78
C THR A 553 28.05 -16.70 -4.27
N GLU A 554 28.98 -15.88 -3.77
CA GLU A 554 29.33 -15.86 -2.36
C GLU A 554 29.26 -14.45 -1.80
N ARG A 555 28.83 -14.32 -0.54
CA ARG A 555 28.87 -13.03 0.13
C ARG A 555 30.31 -12.56 0.28
N ASP A 556 30.53 -11.26 0.12
CA ASP A 556 31.83 -10.65 0.37
C ASP A 556 31.65 -9.63 1.49
N ASP A 557 31.83 -10.07 2.73
CA ASP A 557 31.72 -9.15 3.86
C ASP A 557 32.87 -8.14 3.84
N LYS A 558 34.05 -8.57 3.41
CA LYS A 558 35.23 -7.72 3.45
C LYS A 558 35.08 -6.49 2.56
N LYS A 559 34.56 -6.67 1.34
CA LYS A 559 34.53 -5.59 0.35
C LYS A 559 33.13 -5.20 -0.10
N TRP A 560 32.08 -5.81 0.46
CA TRP A 560 30.73 -5.53 -0.03
C TRP A 560 29.71 -5.46 1.09
N MET A 561 30.15 -5.31 2.34
CA MET A 561 29.25 -4.99 3.45
C MET A 561 29.06 -3.48 3.54
N LYS A 562 28.45 -2.94 2.48
CA LYS A 562 28.27 -1.51 2.30
C LYS A 562 26.87 -1.25 1.77
N HIS A 563 26.30 -0.09 2.11
CA HIS A 563 25.09 0.37 1.46
C HIS A 563 25.44 1.04 0.13
N SER A 564 24.63 0.78 -0.90
CA SER A 564 24.88 1.27 -2.25
C SER A 564 24.00 2.50 -2.53
N LEU A 565 24.64 3.65 -2.74
CA LEU A 565 23.94 4.91 -2.97
C LEU A 565 23.99 5.29 -4.44
N SER A 566 22.82 5.52 -5.04
CA SER A 566 22.70 5.93 -6.43
C SER A 566 22.26 7.39 -6.52
N TYR A 567 22.78 8.10 -7.52
CA TYR A 567 22.50 9.52 -7.73
C TYR A 567 22.19 9.78 -9.20
N GLN A 568 21.10 10.51 -9.47
CA GLN A 568 20.78 10.97 -10.83
C GLN A 568 21.47 12.31 -11.08
N THR A 569 22.31 12.36 -12.11
CA THR A 569 23.19 13.51 -12.31
C THR A 569 22.41 14.79 -12.54
N LYS A 570 21.36 14.74 -13.37
CA LYS A 570 20.62 15.93 -13.76
C LYS A 570 19.13 15.74 -13.49
N PRO A 571 18.40 16.83 -13.24
CA PRO A 571 16.98 16.68 -12.87
C PRO A 571 16.12 16.05 -13.96
N HIS A 572 16.55 16.12 -15.21
CA HIS A 572 15.80 15.56 -16.32
C HIS A 572 16.29 14.15 -16.61
N VAL A 573 15.36 13.19 -16.70
CA VAL A 573 15.72 11.79 -16.85
C VAL A 573 16.39 11.54 -18.19
N GLU A 574 16.08 12.34 -19.20
CA GLU A 574 16.66 12.17 -20.53
C GLU A 574 17.96 12.95 -20.68
N GLU A 575 18.49 13.49 -19.58
CA GLU A 575 19.72 14.28 -19.62
C GLU A 575 20.65 13.92 -18.47
N SER A 576 20.53 12.71 -17.92
CA SER A 576 21.18 12.36 -16.66
C SER A 576 21.91 11.02 -16.78
N ASP A 577 22.84 10.81 -15.85
CA ASP A 577 23.57 9.56 -15.68
C ASP A 577 23.41 9.08 -14.24
N ILE A 578 23.52 7.76 -14.04
CA ILE A 578 23.38 7.17 -12.71
C ILE A 578 24.79 6.96 -12.15
N VAL A 579 25.19 7.82 -11.20
CA VAL A 579 26.45 7.71 -10.49
C VAL A 579 26.24 6.90 -9.21
N LEU A 580 27.22 6.08 -8.86
CA LEU A 580 27.12 5.20 -7.69
C LEU A 580 28.23 5.48 -6.70
N LYS A 581 27.84 5.75 -5.44
CA LYS A 581 28.74 5.87 -4.31
C LYS A 581 28.26 4.91 -3.22
N TYR A 582 28.99 4.81 -2.11
CA TYR A 582 28.69 3.83 -1.08
C TYR A 582 28.81 4.45 0.31
N ARG A 583 28.05 3.91 1.26
CA ARG A 583 28.11 4.33 2.65
C ARG A 583 28.12 3.12 3.57
N PRO A 584 28.84 3.20 4.70
CA PRO A 584 28.98 2.03 5.58
C PRO A 584 27.68 1.70 6.32
N VAL A 585 27.54 0.43 6.71
CA VAL A 585 26.38 -0.06 7.45
C VAL A 585 26.62 0.13 8.94
N VAL A 586 25.58 0.52 9.66
CA VAL A 586 25.65 0.72 11.12
C VAL A 586 25.48 -0.64 11.78
N ASP A 587 26.54 -1.12 12.44
CA ASP A 587 26.53 -2.46 13.02
C ASP A 587 26.29 -2.47 14.52
N GLN A 588 26.56 -1.38 15.21
CA GLN A 588 26.40 -1.34 16.66
C GLN A 588 24.96 -1.00 17.02
N PRO A 589 24.33 -1.76 17.91
CA PRO A 589 22.98 -1.41 18.37
C PRO A 589 22.97 -0.10 19.15
N LEU A 590 21.82 0.56 19.16
CA LEU A 590 21.76 1.92 19.71
C LEU A 590 21.94 1.93 21.22
N ASP A 591 21.44 0.91 21.92
CA ASP A 591 21.61 0.76 23.36
C ASP A 591 22.43 -0.50 23.65
N SER A 592 22.61 -0.78 24.94
CA SER A 592 23.23 -2.03 25.36
C SER A 592 22.21 -3.12 25.63
N GLU A 593 20.91 -2.79 25.61
CA GLU A 593 19.89 -3.78 25.83
C GLU A 593 20.00 -4.94 24.85
N MET A 594 20.48 -4.66 23.64
CA MET A 594 20.75 -5.66 22.61
C MET A 594 22.24 -5.66 22.30
N HIS A 595 22.77 -6.81 21.94
CA HIS A 595 24.18 -6.97 21.59
C HIS A 595 24.35 -6.95 20.08
N HIS A 596 25.59 -6.72 19.64
CA HIS A 596 25.91 -6.78 18.22
C HIS A 596 25.88 -8.23 17.75
N VAL A 597 25.02 -8.52 16.79
CA VAL A 597 24.93 -9.85 16.18
C VAL A 597 26.05 -9.98 15.16
N PRO A 598 27.14 -10.68 15.47
CA PRO A 598 28.28 -10.70 14.56
C PRO A 598 27.91 -11.31 13.24
N PRO A 599 28.51 -10.83 12.14
CA PRO A 599 28.24 -11.43 10.82
C PRO A 599 28.57 -12.92 10.81
N ALA A 600 27.71 -13.71 10.17
CA ALA A 600 27.82 -15.17 10.20
C ALA A 600 27.16 -15.77 8.97
N LYS A 601 27.18 -17.10 8.90
CA LYS A 601 26.52 -17.83 7.82
C LYS A 601 25.01 -17.81 7.99
N ARG A 602 24.30 -17.73 6.87
CA ARG A 602 22.85 -17.64 6.84
C ARG A 602 22.30 -18.88 6.12
N VAL A 603 22.20 -19.99 6.86
CA VAL A 603 21.80 -21.26 6.24
C VAL A 603 20.29 -21.42 6.18
N TYR A 604 19.60 -21.10 7.28
CA TYR A 604 18.16 -21.29 7.37
C TYR A 604 17.77 -22.74 7.15
N MET B 1 -13.48 -10.98 -31.09
CA MET B 1 -13.56 -9.53 -31.26
C MET B 1 -14.80 -8.96 -30.58
N GLN B 2 -14.72 -8.81 -29.26
CA GLN B 2 -15.82 -8.27 -28.49
C GLN B 2 -15.91 -6.75 -28.65
N THR B 3 -17.12 -6.24 -28.57
CA THR B 3 -17.41 -4.81 -28.64
C THR B 3 -17.71 -4.28 -27.24
N PHE B 4 -17.03 -3.20 -26.85
CA PHE B 4 -17.16 -2.61 -25.52
C PHE B 4 -17.58 -1.14 -25.65
N ARG B 5 -18.86 -0.85 -25.43
CA ARG B 5 -19.31 0.54 -25.33
C ARG B 5 -18.97 1.12 -23.97
N VAL B 6 -18.32 2.29 -23.94
CA VAL B 6 -17.84 2.93 -22.71
C VAL B 6 -18.30 4.39 -22.62
N TYR B 7 -18.82 4.78 -21.45
CA TYR B 7 -19.29 6.14 -21.20
C TYR B 7 -18.13 7.12 -21.22
N ARG B 8 -18.29 8.26 -21.92
CA ARG B 8 -17.22 9.23 -22.10
C ARG B 8 -17.73 10.65 -21.84
N TYR B 9 -17.02 11.39 -20.98
CA TYR B 9 -17.35 12.79 -20.69
C TYR B 9 -16.07 13.58 -20.50
N ASP B 10 -15.94 14.72 -21.18
CA ASP B 10 -14.80 15.60 -21.00
C ASP B 10 -15.18 16.72 -20.05
N PRO B 11 -14.52 16.86 -18.90
CA PRO B 11 -14.92 17.94 -17.97
C PRO B 11 -14.70 19.33 -18.51
N LEU B 12 -13.93 19.51 -19.57
CA LEU B 12 -13.61 20.84 -20.10
C LEU B 12 -14.55 21.24 -21.23
N LEU B 13 -14.73 20.36 -22.21
CA LEU B 13 -15.72 20.62 -23.26
C LEU B 13 -17.11 20.72 -22.67
N GLN B 14 -17.39 19.91 -21.66
CA GLN B 14 -18.70 19.88 -21.02
C GLN B 14 -19.80 19.56 -22.04
N ASP B 15 -19.44 18.75 -23.03
CA ASP B 15 -20.39 18.23 -24.00
C ASP B 15 -21.16 17.05 -23.41
N LYS B 16 -22.38 16.87 -23.89
CA LYS B 16 -23.26 15.85 -23.34
C LYS B 16 -22.56 14.48 -23.35
N PRO B 17 -22.56 13.76 -22.23
CA PRO B 17 -21.86 12.46 -22.19
C PRO B 17 -22.40 11.50 -23.25
N HIS B 18 -21.52 10.65 -23.77
CA HIS B 18 -21.87 9.73 -24.84
C HIS B 18 -21.14 8.39 -24.65
N MET B 19 -21.69 7.35 -25.29
CA MET B 19 -21.11 6.01 -25.27
C MET B 19 -20.34 5.77 -26.56
N GLN B 20 -19.05 5.49 -26.45
CA GLN B 20 -18.19 5.20 -27.58
C GLN B 20 -17.90 3.70 -27.64
N GLU B 21 -17.99 3.12 -28.83
CA GLU B 21 -17.82 1.68 -29.02
C GLU B 21 -16.39 1.38 -29.45
N PHE B 22 -15.76 0.42 -28.77
CA PHE B 22 -14.43 -0.07 -29.12
C PHE B 22 -14.50 -1.56 -29.42
N ASN B 23 -13.60 -2.01 -30.29
CA ASN B 23 -13.45 -3.42 -30.61
C ASN B 23 -12.12 -3.93 -30.09
N ILE B 24 -12.17 -5.01 -29.32
CA ILE B 24 -10.98 -5.59 -28.69
C ILE B 24 -10.97 -7.08 -28.95
N ASP B 25 -9.78 -7.62 -29.23
CA ASP B 25 -9.59 -9.05 -29.39
C ASP B 25 -9.36 -9.67 -28.01
N LEU B 26 -10.31 -10.48 -27.56
CA LEU B 26 -10.19 -11.11 -26.25
C LEU B 26 -9.03 -12.07 -26.17
N ALA B 27 -8.50 -12.53 -27.30
CA ALA B 27 -7.36 -13.43 -27.27
C ALA B 27 -6.15 -12.76 -26.64
N GLN B 28 -5.93 -11.48 -26.92
CA GLN B 28 -4.80 -10.73 -26.40
C GLN B 28 -5.17 -9.84 -25.23
N CYS B 29 -6.19 -10.24 -24.45
CA CYS B 29 -6.66 -9.45 -23.33
C CYS B 29 -6.91 -10.37 -22.14
N GLY B 30 -6.81 -9.80 -20.94
CA GLY B 30 -7.07 -10.55 -19.74
C GLY B 30 -8.54 -10.85 -19.55
N PRO B 31 -8.84 -11.87 -18.75
CA PRO B 31 -10.25 -12.26 -18.59
C PRO B 31 -11.13 -11.19 -17.99
N MET B 32 -10.58 -10.33 -17.13
CA MET B 32 -11.40 -9.39 -16.39
C MET B 32 -11.68 -8.14 -17.21
N ILE B 33 -12.74 -7.43 -16.81
CA ILE B 33 -13.14 -6.22 -17.52
C ILE B 33 -12.02 -5.18 -17.44
N LEU B 34 -11.41 -5.02 -16.27
CA LEU B 34 -10.38 -4.00 -16.11
C LEU B 34 -9.26 -4.20 -17.11
N ASP B 35 -8.95 -5.44 -17.47
CA ASP B 35 -7.93 -5.69 -18.47
C ASP B 35 -8.33 -5.11 -19.82
N ALA B 36 -9.60 -5.25 -20.19
CA ALA B 36 -10.07 -4.69 -21.44
C ALA B 36 -9.96 -3.17 -21.43
N LEU B 37 -10.33 -2.53 -20.32
CA LEU B 37 -10.23 -1.08 -20.24
C LEU B 37 -8.78 -0.63 -20.36
N ILE B 38 -7.86 -1.33 -19.68
CA ILE B 38 -6.45 -0.98 -19.77
C ILE B 38 -5.95 -1.16 -21.19
N LYS B 39 -6.35 -2.25 -21.85
CA LYS B 39 -5.91 -2.48 -23.22
C LYS B 39 -6.44 -1.40 -24.15
N ILE B 40 -7.69 -0.98 -23.97
CA ILE B 40 -8.25 0.10 -24.79
C ILE B 40 -7.43 1.36 -24.60
N LYS B 41 -7.13 1.69 -23.33
CA LYS B 41 -6.36 2.90 -23.06
C LYS B 41 -4.96 2.81 -23.64
N ALA B 42 -4.34 1.63 -23.52
CA ALA B 42 -2.96 1.49 -23.98
C ALA B 42 -2.85 1.58 -25.50
N THR B 43 -3.80 1.00 -26.22
CA THR B 43 -3.70 0.87 -27.66
C THR B 43 -4.51 1.91 -28.42
N GLN B 44 -5.82 1.98 -28.16
CA GLN B 44 -6.71 2.74 -29.04
C GLN B 44 -6.88 4.19 -28.60
N ASP B 45 -7.39 4.41 -27.39
CA ASP B 45 -7.72 5.75 -26.91
C ASP B 45 -7.13 5.93 -25.51
N SER B 46 -5.98 6.60 -25.44
CA SER B 46 -5.34 6.82 -24.15
C SER B 46 -6.05 7.86 -23.30
N THR B 47 -7.03 8.58 -23.86
CA THR B 47 -7.73 9.59 -23.09
C THR B 47 -8.63 8.97 -22.02
N LEU B 48 -9.04 7.71 -22.22
CA LEU B 48 -9.95 7.04 -21.30
C LEU B 48 -9.44 7.09 -19.86
N ALA B 49 -10.32 7.47 -18.93
CA ALA B 49 -9.94 7.67 -17.53
C ALA B 49 -10.76 6.75 -16.62
N PHE B 50 -10.08 6.10 -15.67
CA PHE B 50 -10.74 5.22 -14.72
C PHE B 50 -9.81 4.95 -13.54
N ARG B 51 -10.40 4.73 -12.36
CA ARG B 51 -9.65 4.45 -11.14
C ARG B 51 -9.37 2.96 -11.04
N ARG B 52 -8.13 2.60 -10.71
CA ARG B 52 -7.72 1.19 -10.58
C ARG B 52 -6.42 1.14 -9.78
N SER B 53 -6.40 0.33 -8.72
CA SER B 53 -5.13 0.09 -8.05
C SER B 53 -4.75 -1.36 -7.81
N CYS B 54 -5.60 -2.09 -7.07
CA CYS B 54 -5.16 -3.36 -6.49
C CYS B 54 -5.09 -4.47 -7.53
N ARG B 55 -6.04 -4.50 -8.45
CA ARG B 55 -6.14 -5.51 -9.50
C ARG B 55 -6.62 -6.84 -8.94
N GLU B 56 -6.74 -6.95 -7.61
CA GLU B 56 -7.18 -8.18 -6.97
C GLU B 56 -8.48 -8.03 -6.20
N GLY B 57 -9.14 -6.86 -6.27
CA GLY B 57 -10.43 -6.66 -5.66
C GLY B 57 -10.43 -6.07 -4.28
N ILE B 58 -9.28 -5.69 -3.74
CA ILE B 58 -9.16 -5.37 -2.32
C ILE B 58 -9.18 -3.88 -2.05
N CYS B 59 -8.72 -3.07 -3.01
CA CYS B 59 -8.67 -1.64 -2.77
C CYS B 59 -10.06 -1.01 -2.85
N GLY B 60 -10.93 -1.54 -3.69
CA GLY B 60 -12.26 -0.97 -3.87
C GLY B 60 -12.28 0.30 -4.69
N SER B 61 -11.41 0.40 -5.69
CA SER B 61 -11.30 1.61 -6.49
C SER B 61 -11.89 1.49 -7.90
N CYS B 62 -12.13 0.27 -8.37
CA CYS B 62 -12.58 0.05 -9.74
C CYS B 62 -14.09 -0.19 -9.83
N ALA B 63 -14.86 0.35 -8.89
CA ALA B 63 -16.30 0.14 -8.89
C ALA B 63 -16.94 0.87 -10.08
N MET B 64 -17.66 0.11 -10.90
CA MET B 64 -18.32 0.64 -12.09
C MET B 64 -19.67 -0.04 -12.24
N ASN B 65 -20.38 0.29 -13.31
CA ASN B 65 -21.65 -0.33 -13.65
C ASN B 65 -21.47 -1.06 -14.98
N ILE B 66 -21.50 -2.38 -14.94
CA ILE B 66 -21.26 -3.21 -16.12
C ILE B 66 -22.56 -3.92 -16.49
N ASN B 67 -23.06 -3.66 -17.68
CA ASN B 67 -24.28 -4.27 -18.20
C ASN B 67 -25.43 -4.16 -17.21
N GLY B 68 -25.51 -3.02 -16.52
CA GLY B 68 -26.63 -2.72 -15.65
C GLY B 68 -26.35 -2.86 -14.17
N LYS B 69 -25.51 -3.81 -13.77
CA LYS B 69 -25.29 -4.11 -12.36
C LYS B 69 -23.92 -3.60 -11.92
N ASN B 70 -23.88 -2.96 -10.75
CA ASN B 70 -22.63 -2.47 -10.20
C ASN B 70 -21.67 -3.62 -9.92
N GLY B 71 -20.39 -3.31 -9.95
CA GLY B 71 -19.38 -4.31 -9.63
C GLY B 71 -17.98 -3.71 -9.77
N LEU B 72 -17.02 -4.48 -9.28
CA LEU B 72 -15.61 -4.13 -9.41
C LEU B 72 -15.06 -4.74 -10.70
N ALA B 73 -14.47 -3.90 -11.55
CA ALA B 73 -14.02 -4.36 -12.86
C ALA B 73 -12.95 -5.44 -12.74
N CYS B 74 -12.12 -5.39 -11.69
CA CYS B 74 -11.02 -6.33 -11.58
C CYS B 74 -11.51 -7.74 -11.25
N LEU B 75 -12.64 -7.87 -10.57
CA LEU B 75 -13.21 -9.17 -10.28
C LEU B 75 -14.30 -9.58 -11.28
N GLN B 76 -14.82 -8.65 -12.05
CA GLN B 76 -15.82 -8.97 -13.05
C GLN B 76 -15.18 -9.65 -14.25
N TYR B 77 -15.87 -10.64 -14.79
CA TYR B 77 -15.40 -11.39 -15.95
C TYR B 77 -16.01 -10.84 -17.23
N ILE B 78 -15.19 -10.77 -18.28
CA ILE B 78 -15.72 -10.47 -19.60
C ILE B 78 -16.59 -11.63 -20.06
N GLU B 79 -17.78 -11.33 -20.53
CA GLU B 79 -18.71 -12.34 -21.02
C GLU B 79 -18.91 -12.14 -22.51
N PRO B 80 -18.20 -12.87 -23.37
CA PRO B 80 -18.28 -12.59 -24.81
C PRO B 80 -19.68 -12.86 -25.35
N GLY B 81 -20.05 -12.08 -26.35
CA GLY B 81 -21.35 -12.22 -26.97
C GLY B 81 -21.54 -11.16 -28.03
N ALA B 82 -22.60 -11.36 -28.82
CA ALA B 82 -22.94 -10.37 -29.83
C ALA B 82 -23.27 -9.03 -29.21
N ALA B 83 -23.89 -9.03 -28.04
CA ALA B 83 -24.30 -7.80 -27.40
C ALA B 83 -23.09 -7.03 -26.88
N PRO B 84 -22.95 -5.76 -27.22
CA PRO B 84 -21.85 -4.96 -26.67
C PRO B 84 -21.89 -4.93 -25.15
N ILE B 85 -20.71 -5.00 -24.54
CA ILE B 85 -20.58 -4.88 -23.09
C ILE B 85 -20.56 -3.40 -22.73
N ASP B 86 -21.62 -2.92 -22.08
CA ASP B 86 -21.77 -1.51 -21.74
C ASP B 86 -21.13 -1.24 -20.38
N ILE B 87 -20.17 -0.32 -20.34
CA ILE B 87 -19.49 0.09 -19.12
C ILE B 87 -19.75 1.58 -18.89
N GLN B 88 -20.31 1.91 -17.74
CA GLN B 88 -20.68 3.27 -17.36
C GLN B 88 -20.16 3.57 -15.98
N PRO B 89 -20.21 4.84 -15.55
CA PRO B 89 -19.78 5.18 -14.18
C PRO B 89 -20.82 4.69 -13.17
N LEU B 90 -20.48 4.78 -11.89
CA LEU B 90 -21.39 4.34 -10.84
C LEU B 90 -22.72 5.10 -10.93
N PRO B 91 -23.85 4.42 -10.72
CA PRO B 91 -25.15 5.06 -10.98
C PRO B 91 -25.40 6.29 -10.12
N HIS B 92 -26.05 7.29 -10.73
CA HIS B 92 -26.45 8.54 -10.09
C HIS B 92 -25.32 9.19 -9.29
N THR B 93 -24.13 9.23 -9.88
CA THR B 93 -22.99 9.91 -9.29
C THR B 93 -22.53 11.01 -10.23
N TYR B 94 -21.93 12.06 -9.68
CA TYR B 94 -21.39 13.13 -10.51
C TYR B 94 -20.09 12.61 -11.13
N VAL B 95 -20.00 12.65 -12.47
CA VAL B 95 -18.86 12.09 -13.19
C VAL B 95 -17.80 13.18 -13.33
N LEU B 96 -16.64 12.98 -12.68
CA LEU B 96 -15.53 13.91 -12.83
C LEU B 96 -14.93 13.84 -14.23
N LYS B 97 -14.86 12.64 -14.82
CA LYS B 97 -14.33 12.41 -16.18
C LYS B 97 -14.53 10.94 -16.55
N ASP B 98 -15.10 10.69 -17.74
CA ASP B 98 -15.31 9.36 -18.27
C ASP B 98 -15.92 8.41 -17.20
N LEU B 99 -15.15 7.47 -16.62
CA LEU B 99 -15.72 6.49 -15.71
C LEU B 99 -15.32 6.76 -14.25
N VAL B 100 -14.80 7.95 -13.96
CA VAL B 100 -14.31 8.32 -12.62
C VAL B 100 -15.43 9.04 -11.87
N PRO B 101 -16.12 8.40 -10.92
CA PRO B 101 -17.22 9.06 -10.21
C PRO B 101 -16.75 10.10 -9.20
N ASP B 102 -17.69 10.82 -8.57
CA ASP B 102 -17.40 11.76 -7.49
C ASP B 102 -18.03 11.20 -6.21
N LEU B 103 -17.20 10.59 -5.36
CA LEU B 103 -17.67 9.90 -4.16
C LEU B 103 -17.34 10.68 -2.90
N SER B 104 -17.27 12.00 -3.00
CA SER B 104 -16.90 12.84 -1.87
C SER B 104 -17.96 12.80 -0.77
N ASN B 105 -19.23 12.74 -1.16
CA ASN B 105 -20.30 12.65 -0.16
C ASN B 105 -20.21 11.35 0.62
N PHE B 106 -19.86 10.25 -0.06
CA PHE B 106 -19.71 8.96 0.61
C PHE B 106 -18.60 9.01 1.64
N TYR B 107 -17.48 9.65 1.31
CA TYR B 107 -16.39 9.77 2.26
C TYR B 107 -16.79 10.63 3.46
N ASN B 108 -17.53 11.71 3.22
CA ASN B 108 -17.97 12.58 4.30
C ASN B 108 -18.93 11.88 5.24
N GLN B 109 -19.89 11.13 4.68
CA GLN B 109 -20.87 10.44 5.51
C GLN B 109 -20.18 9.43 6.43
N TYR B 110 -19.15 8.75 5.92
CA TYR B 110 -18.41 7.79 6.74
C TYR B 110 -17.70 8.47 7.90
N LYS B 111 -17.08 9.63 7.63
CA LYS B 111 -16.44 10.38 8.70
C LYS B 111 -17.44 10.77 9.77
N SER B 112 -18.72 10.88 9.41
CA SER B 112 -19.74 11.30 10.36
C SER B 112 -19.95 10.25 11.45
N ILE B 113 -19.91 8.97 11.10
CA ILE B 113 -20.20 7.92 12.07
C ILE B 113 -19.05 7.75 13.06
N GLU B 114 -17.95 8.47 12.86
CA GLU B 114 -16.78 8.40 13.73
C GLU B 114 -16.35 6.96 13.91
N PRO B 115 -15.78 6.33 12.89
CA PRO B 115 -15.39 4.91 12.96
C PRO B 115 -14.04 4.70 13.63
N PHE B 116 -13.98 5.01 14.92
CA PHE B 116 -12.82 4.72 15.74
C PHE B 116 -13.28 4.33 17.13
N LEU B 117 -12.56 3.39 17.74
CA LEU B 117 -12.96 2.85 19.03
C LEU B 117 -13.00 3.95 20.09
N LYS B 118 -14.08 3.97 20.86
CA LYS B 118 -14.26 4.93 21.94
C LYS B 118 -14.39 4.18 23.26
N ARG B 119 -13.64 4.63 24.26
CA ARG B 119 -13.71 4.05 25.59
C ARG B 119 -13.77 5.16 26.62
N ARG B 120 -14.47 4.89 27.72
CA ARG B 120 -14.66 5.90 28.75
C ARG B 120 -13.38 6.12 29.54
N ARG B 121 -12.57 5.08 29.72
CA ARG B 121 -11.33 5.16 30.48
C ARG B 121 -10.16 4.94 29.55
N ALA B 122 -9.16 5.82 29.63
CA ALA B 122 -7.97 5.68 28.82
C ALA B 122 -7.13 4.52 29.31
N LYS B 123 -6.59 3.73 28.38
CA LYS B 123 -5.81 2.55 28.71
C LYS B 123 -4.85 2.84 29.86
N GLN B 124 -5.05 2.14 30.97
CA GLN B 124 -4.21 2.34 32.14
C GLN B 124 -2.77 1.93 31.83
N PRO B 125 -1.77 2.64 32.34
CA PRO B 125 -0.38 2.22 32.10
C PRO B 125 -0.15 0.80 32.61
N GLY B 126 0.55 0.01 31.81
CA GLY B 126 0.79 -1.38 32.14
C GLY B 126 -0.31 -2.31 31.69
N GLU B 127 -1.17 -1.87 30.79
CA GLU B 127 -2.28 -2.67 30.29
C GLU B 127 -1.97 -3.19 28.89
N LYS B 128 -2.36 -4.43 28.64
CA LYS B 128 -2.21 -5.11 27.35
C LYS B 128 -3.48 -4.93 26.51
N GLU B 129 -3.74 -5.84 25.59
CA GLU B 129 -4.90 -5.74 24.70
C GLU B 129 -6.23 -5.83 25.44
N TYR B 130 -7.21 -5.04 25.00
CA TYR B 130 -8.56 -5.12 25.54
C TYR B 130 -9.13 -6.50 25.23
N TYR B 131 -9.73 -7.14 26.24
CA TYR B 131 -10.20 -8.51 26.08
C TYR B 131 -11.37 -8.57 25.12
N GLN B 132 -11.30 -9.50 24.16
CA GLN B 132 -12.43 -9.86 23.32
C GLN B 132 -12.38 -11.36 23.09
N SER B 133 -13.51 -12.05 23.30
CA SER B 133 -13.57 -13.48 23.11
C SER B 133 -13.62 -13.83 21.62
N ILE B 134 -13.36 -15.09 21.30
CA ILE B 134 -13.49 -15.54 19.92
C ILE B 134 -14.92 -15.34 19.44
N GLU B 135 -15.88 -15.63 20.30
CA GLU B 135 -17.30 -15.48 19.94
C GLU B 135 -17.63 -14.02 19.65
N ASP B 136 -17.13 -13.11 20.49
CA ASP B 136 -17.37 -11.69 20.24
C ASP B 136 -16.71 -11.26 18.93
N ARG B 137 -15.51 -11.77 18.66
CA ARG B 137 -14.82 -11.41 17.43
C ARG B 137 -15.57 -11.98 16.23
N GLU B 138 -16.25 -13.10 16.42
CA GLU B 138 -17.06 -13.71 15.36
C GLU B 138 -18.21 -12.80 14.94
N LYS B 139 -18.74 -12.01 15.88
CA LYS B 139 -19.85 -11.11 15.56
C LYS B 139 -19.46 -10.12 14.48
N LEU B 140 -18.20 -9.66 14.49
CA LEU B 140 -17.71 -8.66 13.55
C LEU B 140 -17.15 -9.27 12.27
N ASP B 141 -17.61 -10.47 11.90
CA ASP B 141 -17.00 -11.19 10.79
C ASP B 141 -17.35 -10.59 9.44
N GLY B 142 -18.64 -10.53 9.11
CA GLY B 142 -19.05 -10.10 7.79
C GLY B 142 -19.11 -8.60 7.60
N MET B 143 -18.76 -7.84 8.64
CA MET B 143 -18.87 -6.39 8.61
C MET B 143 -17.55 -5.66 8.48
N TYR B 144 -16.43 -6.29 8.84
CA TYR B 144 -15.13 -5.64 8.83
C TYR B 144 -14.38 -5.84 7.52
N GLU B 145 -14.97 -6.54 6.57
CA GLU B 145 -14.35 -6.84 5.28
C GLU B 145 -14.76 -5.86 4.19
N CYS B 146 -15.57 -4.85 4.51
CA CYS B 146 -16.05 -3.90 3.52
C CYS B 146 -14.91 -3.06 2.98
N ASN B 147 -14.74 -3.05 1.66
CA ASN B 147 -13.64 -2.34 1.02
C ASN B 147 -14.05 -0.96 0.53
N LEU B 148 -15.24 -0.50 0.89
CA LEU B 148 -15.72 0.84 0.56
C LEU B 148 -15.79 1.04 -0.95
N CYS B 149 -16.02 -0.04 -1.70
CA CYS B 149 -16.16 0.08 -3.14
C CYS B 149 -17.29 1.03 -3.52
N ALA B 150 -18.31 1.14 -2.67
CA ALA B 150 -19.44 2.04 -2.84
C ALA B 150 -20.43 1.52 -3.88
N CYS B 151 -20.39 0.23 -4.20
CA CYS B 151 -21.39 -0.35 -5.09
C CYS B 151 -22.75 -0.41 -4.41
N CYS B 152 -22.81 -0.99 -3.21
CA CYS B 152 -24.07 -1.06 -2.49
C CYS B 152 -24.68 0.32 -2.33
N MET B 153 -23.85 1.33 -2.14
CA MET B 153 -24.32 2.70 -2.00
C MET B 153 -25.05 3.16 -3.25
N THR B 154 -24.39 3.03 -4.40
CA THR B 154 -24.91 3.48 -5.68
C THR B 154 -25.81 2.45 -6.34
N SER B 155 -26.33 1.50 -5.58
CA SER B 155 -27.34 0.56 -6.04
C SER B 155 -28.63 0.69 -5.26
N CYS B 156 -28.61 1.45 -4.17
CA CYS B 156 -29.80 1.62 -3.34
C CYS B 156 -30.71 2.67 -3.96
N PRO B 157 -31.96 2.34 -4.30
CA PRO B 157 -32.87 3.36 -4.82
C PRO B 157 -33.11 4.48 -3.84
N SER B 158 -32.89 4.24 -2.54
CA SER B 158 -33.10 5.27 -1.53
C SER B 158 -31.92 6.24 -1.43
N TYR B 159 -30.73 5.81 -1.85
CA TYR B 159 -29.59 6.72 -1.92
C TYR B 159 -29.62 7.52 -3.21
N TRP B 160 -30.24 6.97 -4.25
CA TRP B 160 -30.44 7.72 -5.48
C TRP B 160 -31.32 8.94 -5.23
N TRP B 161 -32.35 8.79 -4.41
CA TRP B 161 -33.34 9.85 -4.24
C TRP B 161 -32.90 10.87 -3.19
N ASN B 162 -32.35 10.42 -2.06
CA ASN B 162 -31.95 11.29 -0.96
C ASN B 162 -30.48 11.05 -0.61
N PRO B 163 -29.57 11.37 -1.53
CA PRO B 163 -28.15 11.09 -1.25
C PRO B 163 -27.57 11.86 -0.08
N GLU B 164 -28.03 13.08 0.17
CA GLU B 164 -27.41 13.94 1.17
C GLU B 164 -28.07 13.82 2.54
N TYR B 165 -29.08 12.97 2.68
CA TYR B 165 -29.75 12.77 3.96
C TYR B 165 -29.67 11.34 4.45
N TYR B 166 -29.68 10.36 3.55
CA TYR B 166 -29.58 8.95 3.90
C TYR B 166 -28.11 8.52 3.91
N LEU B 167 -27.68 7.92 5.02
CA LEU B 167 -26.27 7.52 5.16
C LEU B 167 -25.88 6.47 4.13
N GLY B 168 -26.79 5.57 3.78
CA GLY B 168 -26.52 4.58 2.76
C GLY B 168 -26.11 3.25 3.34
N PRO B 169 -26.18 2.18 2.54
CA PRO B 169 -25.91 0.83 3.10
C PRO B 169 -24.53 0.67 3.71
N ALA B 170 -23.48 1.13 3.01
CA ALA B 170 -22.12 0.89 3.47
C ALA B 170 -21.84 1.59 4.80
N VAL B 171 -22.24 2.86 4.91
CA VAL B 171 -22.00 3.60 6.15
C VAL B 171 -22.79 2.98 7.29
N LEU B 172 -24.02 2.57 7.01
CA LEU B 172 -24.88 1.98 8.04
C LEU B 172 -24.31 0.67 8.55
N LEU B 173 -23.78 -0.17 7.65
CA LEU B 173 -23.15 -1.41 8.08
C LEU B 173 -21.92 -1.13 8.93
N GLN B 174 -21.15 -0.11 8.56
CA GLN B 174 -19.98 0.26 9.35
C GLN B 174 -20.37 0.77 10.73
N ALA B 175 -21.50 1.48 10.81
CA ALA B 175 -22.01 1.91 12.10
C ALA B 175 -22.41 0.72 12.96
N TYR B 176 -23.01 -0.31 12.36
CA TYR B 176 -23.34 -1.51 13.11
C TYR B 176 -22.08 -2.25 13.54
N ARG B 177 -21.02 -2.18 12.74
CA ARG B 177 -19.77 -2.83 13.10
C ARG B 177 -19.21 -2.25 14.39
N TRP B 178 -19.36 -0.94 14.59
CA TRP B 178 -18.87 -0.28 15.79
C TRP B 178 -19.88 -0.34 16.92
N ILE B 179 -21.16 -0.57 16.61
CA ILE B 179 -22.17 -0.81 17.65
C ILE B 179 -22.12 -2.26 18.13
N ALA B 180 -21.52 -3.15 17.35
CA ALA B 180 -21.43 -4.56 17.68
C ALA B 180 -20.07 -4.94 18.25
N ASP B 181 -19.11 -4.02 18.29
CA ASP B 181 -17.76 -4.31 18.76
C ASP B 181 -17.72 -4.25 20.27
N SER B 182 -17.65 -5.43 20.91
CA SER B 182 -17.71 -5.52 22.37
C SER B 182 -16.75 -4.55 23.05
N ARG B 183 -15.65 -4.20 22.40
CA ARG B 183 -14.66 -3.32 23.01
C ARG B 183 -15.15 -1.88 23.09
N ASP B 184 -15.98 -1.46 22.14
CA ASP B 184 -16.53 -0.11 22.17
C ASP B 184 -17.46 0.06 23.36
N GLU B 185 -17.40 1.23 24.00
CA GLU B 185 -18.18 1.50 25.21
C GLU B 185 -19.22 2.59 25.00
N PHE B 186 -19.40 3.07 23.77
CA PHE B 186 -20.35 4.12 23.44
C PHE B 186 -21.49 3.57 22.59
N THR B 187 -22.00 2.38 22.95
CA THR B 187 -23.07 1.76 22.19
C THR B 187 -24.31 2.62 22.15
N THR B 188 -24.71 3.16 23.31
CA THR B 188 -25.94 3.94 23.37
C THR B 188 -25.81 5.23 22.59
N GLU B 189 -24.66 5.90 22.68
CA GLU B 189 -24.47 7.14 21.94
C GLU B 189 -24.59 6.92 20.44
N ARG B 190 -23.96 5.85 19.94
CA ARG B 190 -24.02 5.57 18.51
C ARG B 190 -25.44 5.25 18.06
N MET B 191 -26.15 4.45 18.84
CA MET B 191 -27.52 4.10 18.48
C MET B 191 -28.42 5.33 18.50
N ALA B 192 -28.23 6.21 19.49
CA ALA B 192 -29.05 7.41 19.57
C ALA B 192 -28.84 8.30 18.35
N TRP B 193 -27.60 8.49 17.94
CA TRP B 193 -27.32 9.33 16.78
C TRP B 193 -27.90 8.73 15.51
N ILE B 194 -27.74 7.42 15.32
CA ILE B 194 -28.19 6.78 14.10
C ILE B 194 -29.70 6.68 14.05
N ASN B 195 -30.38 6.83 15.19
CA ASN B 195 -31.84 6.69 15.26
C ASN B 195 -32.49 7.96 14.74
N ASP B 196 -32.44 8.10 13.41
CA ASP B 196 -33.03 9.24 12.72
C ASP B 196 -33.82 8.74 11.52
N SER B 197 -34.90 9.44 11.20
CA SER B 197 -35.77 9.00 10.11
C SER B 197 -35.03 9.02 8.78
N MET B 198 -34.23 10.05 8.54
CA MET B 198 -33.53 10.17 7.26
C MET B 198 -32.28 9.30 7.22
N ARG B 199 -31.53 9.26 8.32
CA ARG B 199 -30.25 8.56 8.33
C ARG B 199 -30.43 7.05 8.13
N LEU B 200 -31.40 6.46 8.82
CA LEU B 200 -31.49 5.00 8.89
C LEU B 200 -32.76 4.45 8.26
N TYR B 201 -33.92 4.98 8.60
CA TYR B 201 -35.18 4.39 8.19
C TYR B 201 -35.59 4.74 6.77
N ARG B 202 -34.66 5.20 5.94
CA ARG B 202 -34.93 5.33 4.52
C ARG B 202 -34.65 4.04 3.78
N CYS B 203 -34.08 3.05 4.45
CA CYS B 203 -33.91 1.73 3.88
C CYS B 203 -35.24 1.00 3.84
N HIS B 204 -35.67 0.63 2.64
CA HIS B 204 -36.95 -0.05 2.43
C HIS B 204 -36.76 -1.52 2.09
N GLY B 205 -35.55 -2.05 2.28
CA GLY B 205 -35.27 -3.45 2.02
C GLY B 205 -35.35 -3.84 0.56
N ILE B 206 -34.77 -3.02 -0.32
CA ILE B 206 -34.73 -3.38 -1.74
C ILE B 206 -33.80 -4.56 -1.96
N MET B 207 -32.72 -4.64 -1.20
CA MET B 207 -31.75 -5.73 -1.21
C MET B 207 -30.79 -5.64 -2.39
N ASN B 208 -30.74 -4.50 -3.09
CA ASN B 208 -29.75 -4.33 -4.15
C ASN B 208 -28.34 -4.26 -3.59
N CYS B 209 -28.20 -3.76 -2.35
CA CYS B 209 -26.89 -3.65 -1.74
C CYS B 209 -26.25 -5.01 -1.53
N THR B 210 -27.04 -6.00 -1.10
CA THR B 210 -26.51 -7.33 -0.85
C THR B 210 -26.25 -8.08 -2.16
N SER B 211 -27.06 -7.80 -3.18
CA SER B 211 -26.93 -8.51 -4.45
C SER B 211 -25.67 -8.09 -5.20
N CYS B 212 -25.29 -6.82 -5.10
CA CYS B 212 -24.16 -6.30 -5.85
C CYS B 212 -22.86 -6.26 -5.05
N CYS B 213 -22.87 -6.66 -3.79
CA CYS B 213 -21.67 -6.52 -2.99
C CYS B 213 -20.54 -7.37 -3.57
N PRO B 214 -19.40 -6.78 -3.92
CA PRO B 214 -18.31 -7.56 -4.51
C PRO B 214 -17.61 -8.47 -3.53
N LYS B 215 -17.67 -8.15 -2.24
CA LYS B 215 -17.01 -8.91 -1.20
C LYS B 215 -17.94 -9.94 -0.58
N GLY B 216 -19.16 -10.07 -1.10
CA GLY B 216 -20.10 -11.05 -0.60
C GLY B 216 -20.64 -10.76 0.79
N LEU B 217 -20.69 -9.50 1.18
CA LEU B 217 -21.22 -9.09 2.47
C LEU B 217 -22.73 -8.84 2.33
N ASP B 218 -23.41 -8.67 3.47
CA ASP B 218 -24.87 -8.53 3.51
C ASP B 218 -25.23 -7.26 4.26
N PRO B 219 -25.08 -6.11 3.63
CA PRO B 219 -25.44 -4.85 4.31
C PRO B 219 -26.91 -4.79 4.71
N ALA B 220 -27.78 -5.40 3.92
CA ALA B 220 -29.22 -5.40 4.23
C ALA B 220 -29.51 -6.08 5.55
N LYS B 221 -28.87 -7.23 5.82
CA LYS B 221 -29.09 -7.94 7.07
C LYS B 221 -28.61 -7.11 8.26
N ALA B 222 -27.49 -6.41 8.10
CA ALA B 222 -26.95 -5.61 9.19
C ALA B 222 -27.88 -4.46 9.54
N ILE B 223 -28.48 -3.82 8.53
CA ILE B 223 -29.37 -2.69 8.78
C ILE B 223 -30.62 -3.17 9.51
N ALA B 224 -31.10 -4.36 9.15
CA ALA B 224 -32.26 -4.93 9.83
C ALA B 224 -31.96 -5.21 11.30
N LYS B 225 -30.77 -5.76 11.59
CA LYS B 225 -30.40 -5.99 12.97
C LYS B 225 -30.29 -4.67 13.75
N MET B 226 -29.69 -3.66 13.12
CA MET B 226 -29.50 -2.38 13.80
C MET B 226 -30.84 -1.71 14.10
N LYS B 227 -31.83 -1.88 13.21
CA LYS B 227 -33.15 -1.32 13.46
C LYS B 227 -33.85 -2.04 14.60
N ALA B 228 -33.68 -3.37 14.68
CA ALA B 228 -34.31 -4.11 15.77
C ALA B 228 -33.67 -3.75 17.11
N ALA B 229 -32.35 -3.63 17.16
CA ALA B 229 -31.68 -3.29 18.41
C ALA B 229 -32.11 -1.91 18.90
N ILE B 230 -32.19 -0.94 17.99
CA ILE B 230 -32.58 0.41 18.39
C ILE B 230 -33.99 0.42 18.93
N ALA B 231 -34.91 -0.27 18.26
CA ALA B 231 -36.31 -0.25 18.68
C ALA B 231 -36.46 -0.83 20.08
N ALA B 232 -35.73 -1.89 20.40
CA ALA B 232 -35.85 -2.51 21.71
C ALA B 232 -35.18 -1.69 22.80
N ALA B 233 -34.12 -0.95 22.47
CA ALA B 233 -33.30 -0.29 23.48
C ALA B 233 -33.59 1.20 23.62
N TYR B 234 -34.58 1.73 22.90
CA TYR B 234 -34.83 3.17 22.95
C TYR B 234 -35.30 3.58 24.34
N GLU B 235 -34.82 4.73 24.78
CA GLU B 235 -35.20 5.35 26.05
C GLU B 235 -35.51 6.82 25.83
N PRO B 236 -36.33 7.40 26.69
CA PRO B 236 -36.66 8.83 26.51
C PRO B 236 -35.43 9.74 26.58
N GLY B 237 -34.39 9.33 27.27
CA GLY B 237 -33.23 10.18 27.48
C GLY B 237 -32.20 10.16 26.38
N TRP B 238 -32.47 9.47 25.27
CA TRP B 238 -31.48 9.37 24.21
C TRP B 238 -31.16 10.72 23.60
N THR B 239 -32.18 11.58 23.44
CA THR B 239 -31.95 12.89 22.84
C THR B 239 -30.96 13.70 23.66
N LYS B 240 -31.08 13.66 24.99
CA LYS B 240 -30.12 14.35 25.83
C LYS B 240 -28.72 13.78 25.66
N ILE B 241 -28.62 12.46 25.47
CA ILE B 241 -27.32 11.83 25.29
C ILE B 241 -26.64 12.38 24.03
N VAL B 242 -27.40 12.50 22.94
CA VAL B 242 -26.83 13.05 21.71
C VAL B 242 -26.34 14.48 21.95
N ALA B 243 -27.13 15.27 22.68
CA ALA B 243 -26.74 16.66 22.92
C ALA B 243 -25.44 16.73 23.71
N GLN B 244 -25.30 15.90 24.74
CA GLN B 244 -24.10 15.94 25.55
C GLN B 244 -22.86 15.58 24.75
N GLU B 245 -22.97 14.57 23.89
CA GLU B 245 -21.85 14.23 23.03
C GLU B 245 -21.51 15.36 22.07
N SER B 246 -22.54 16.06 21.58
CA SER B 246 -22.31 17.19 20.70
C SER B 246 -21.50 18.27 21.41
N ILE B 247 -21.80 18.51 22.69
CA ILE B 247 -21.02 19.47 23.46
C ILE B 247 -19.57 19.01 23.57
N ALA B 248 -19.36 17.71 23.67
CA ALA B 248 -18.01 17.19 23.79
C ALA B 248 -17.19 17.42 22.51
N ASN B 249 -17.85 17.55 21.36
CA ASN B 249 -17.17 17.77 20.09
C ASN B 249 -17.07 19.25 19.73
N LYS B 250 -17.22 20.14 20.70
CA LYS B 250 -17.29 21.58 20.42
C LYS B 250 -16.00 22.09 19.80
N LYS B 251 -14.85 21.58 20.23
CA LYS B 251 -13.56 22.09 19.80
C LYS B 251 -12.98 21.34 18.61
N ARG B 252 -13.77 20.46 17.99
CA ARG B 252 -13.33 19.71 16.81
C ARG B 252 -13.15 20.66 15.61
N GLU B 253 -12.38 20.21 14.62
CA GLU B 253 -12.13 20.98 13.40
C GLU B 253 -13.35 20.93 12.45
N SER B 254 -13.26 21.66 11.33
CA SER B 254 -14.39 21.82 10.39
C SER B 254 -14.52 20.65 9.41
N GLY B 255 -15.45 19.76 9.70
CA GLY B 255 -15.67 18.55 8.92
C GLY B 255 -16.83 17.79 9.55
N MET B 256 -17.33 16.80 8.82
CA MET B 256 -18.46 16.02 9.32
C MET B 256 -18.09 15.35 10.65
N MET B 257 -19.01 15.41 11.62
CA MET B 257 -18.77 14.86 12.95
C MET B 257 -20.09 14.54 13.61
N TYR B 258 -20.01 13.80 14.73
CA TYR B 258 -21.18 13.53 15.56
C TYR B 258 -21.70 14.85 16.13
N ALA B 259 -23.00 15.10 15.96
CA ALA B 259 -23.62 16.34 16.43
C ALA B 259 -25.13 16.17 16.56
#